data_5RLN
#
_entry.id   5RLN
#
_cell.length_a   59.108
_cell.length_b   70.366
_cell.length_c   85.925
_cell.angle_alpha   102.790
_cell.angle_beta   96.700
_cell.angle_gamma   112.260
#
_symmetry.space_group_name_H-M   'P 1'
#
loop_
_entity.id
_entity.type
_entity.pdbx_description
1 polymer Helicase
2 non-polymer '3-(acetylamino)-4-fluorobenzoic acid'
3 non-polymer 'ZINC ION'
4 non-polymer 'PHOSPHATE ION'
5 water water
#
_entity_poly.entity_id   1
_entity_poly.type   'polypeptide(L)'
_entity_poly.pdbx_seq_one_letter_code
;AVGACVLCNSQTSLRCGACIRRPFLCCKCCYDHVISTSHKLVLSVNPYVCNAPGCDVTDVTQLYLGGMSYYCKSHKPPIS
FPLCANGQVFGLYKNTCVGSDNVTDFNAIATCDWTNAGDYILANTCTERLKLFAAETLKATEETFKLSYGIATVREVLSD
RELHLSWEVGKPRPPLNRNYVFTGYRVTKNSKVQIGEYTFEKGDYGDAVVYRGTTTYKLNVGDYFVLTSHTVMPLSAPTL
VPQEHYVRITGLYPTLNISDEFSSNVANYQKVGMQKYSTLQGPPGTGKSHFAIGLALYYPSARIVYTACSHAAVDALCEK
ALKYLPIDKCSRIIPARARVECFDKFKVNSTLEQYVFCTVNALPETTADIVVFDEISMATNYDLSVVNARLRAKHYVYIG
DPAQLPAPRTLLTKGTLEPEYFNSVCRLMKTIGPDMFLGTCRRCPAEIVDTVSALVYDNKLKAHKDKSAQCFKMFYKGVI
THDVSSAINRPQIGVVREFLTRNPAWRKAVFISPYNSQNAVASKILGLPTQTVDSSQGSEYDYVIFTQTTETAHSCNVNR
FNVAITRAKVGILCIMSDRDLYDKLQFTSLEIPRRNVATLQ
;
_entity_poly.pdbx_strand_id   A,B
#
loop_
_chem_comp.id
_chem_comp.type
_chem_comp.name
_chem_comp.formula
NZG non-polymer '3-(acetylamino)-4-fluorobenzoic acid' 'C9 H8 F N O3'
PO4 non-polymer 'PHOSPHATE ION' 'O4 P -3'
ZN non-polymer 'ZINC ION' 'Zn 2'
#
# COMPACT_ATOMS: atom_id res chain seq x y z
N ALA A 1 -7.10 -19.96 -17.80
CA ALA A 1 -7.62 -21.08 -17.02
C ALA A 1 -6.63 -22.25 -16.87
N VAL A 2 -5.35 -22.01 -17.17
CA VAL A 2 -4.30 -23.03 -17.04
C VAL A 2 -3.81 -22.94 -15.61
N GLY A 3 -3.94 -24.03 -14.85
CA GLY A 3 -3.50 -23.98 -13.47
C GLY A 3 -3.15 -25.30 -12.81
N ALA A 4 -2.89 -25.24 -11.50
CA ALA A 4 -2.54 -26.40 -10.70
C ALA A 4 -3.66 -26.77 -9.68
N CYS A 5 -3.98 -28.08 -9.61
CA CYS A 5 -4.98 -28.74 -8.76
C CYS A 5 -4.78 -28.43 -7.27
N VAL A 6 -5.83 -27.96 -6.59
CA VAL A 6 -5.75 -27.68 -5.17
C VAL A 6 -5.61 -28.94 -4.31
N LEU A 7 -5.70 -30.16 -4.88
CA LEU A 7 -5.59 -31.38 -4.06
C LEU A 7 -4.36 -32.24 -4.34
N CYS A 8 -3.83 -32.20 -5.59
CA CYS A 8 -2.64 -32.97 -5.91
C CYS A 8 -1.72 -32.26 -6.95
N ASN A 9 -1.84 -30.90 -7.08
CA ASN A 9 -1.04 -29.95 -7.88
C ASN A 9 -0.88 -30.29 -9.37
N SER A 10 -1.57 -31.37 -9.86
CA SER A 10 -1.52 -31.79 -11.26
C SER A 10 -2.05 -30.66 -12.13
N GLN A 11 -1.33 -30.30 -13.20
CA GLN A 11 -1.76 -29.22 -14.09
C GLN A 11 -3.14 -29.56 -14.73
N THR A 12 -4.01 -28.56 -14.88
CA THR A 12 -5.34 -28.80 -15.40
C THR A 12 -5.93 -27.60 -16.12
N SER A 13 -6.83 -27.88 -17.07
CA SER A 13 -7.66 -26.90 -17.75
C SER A 13 -8.95 -26.68 -16.89
N LEU A 14 -9.35 -27.70 -16.08
CA LEU A 14 -10.56 -27.72 -15.24
C LEU A 14 -10.50 -26.87 -13.96
N ARG A 15 -11.55 -26.10 -13.70
CA ARG A 15 -11.70 -25.29 -12.49
C ARG A 15 -13.20 -25.35 -12.11
N CYS A 16 -13.56 -25.87 -10.88
CA CYS A 16 -14.97 -26.02 -10.48
C CYS A 16 -15.73 -24.72 -10.51
N GLY A 17 -16.70 -24.66 -11.40
CA GLY A 17 -17.55 -23.50 -11.59
C GLY A 17 -18.58 -23.32 -10.50
N ALA A 18 -18.85 -24.37 -9.70
CA ALA A 18 -19.82 -24.26 -8.61
C ALA A 18 -19.17 -23.82 -7.26
N CYS A 19 -17.83 -23.93 -7.15
CA CYS A 19 -17.08 -23.47 -5.98
C CYS A 19 -16.97 -21.98 -6.06
N ILE A 20 -17.22 -21.26 -4.95
CA ILE A 20 -17.12 -19.79 -4.82
C ILE A 20 -15.71 -19.26 -5.23
N ARG A 21 -14.67 -20.07 -5.00
CA ARG A 21 -13.30 -19.68 -5.33
C ARG A 21 -12.81 -20.23 -6.69
N ARG A 22 -13.65 -21.03 -7.41
CA ARG A 22 -13.32 -21.66 -8.69
C ARG A 22 -11.94 -22.34 -8.69
N PRO A 23 -11.71 -23.27 -7.74
CA PRO A 23 -10.40 -23.92 -7.66
C PRO A 23 -10.10 -24.82 -8.84
N PHE A 24 -8.84 -24.85 -9.28
CA PHE A 24 -8.40 -25.77 -10.31
C PHE A 24 -8.43 -27.20 -9.70
N LEU A 25 -9.02 -28.13 -10.43
CA LEU A 25 -9.13 -29.53 -10.02
C LEU A 25 -8.67 -30.37 -11.22
N CYS A 26 -7.80 -31.35 -10.98
CA CYS A 26 -7.32 -32.21 -12.05
C CYS A 26 -8.42 -33.16 -12.52
N CYS A 27 -8.22 -33.81 -13.65
CA CYS A 27 -9.18 -34.77 -14.20
C CYS A 27 -9.75 -35.77 -13.18
N LYS A 28 -8.87 -36.48 -12.47
CA LYS A 28 -9.23 -37.55 -11.55
C LYS A 28 -9.88 -37.08 -10.27
N CYS A 29 -9.57 -35.85 -9.83
CA CYS A 29 -10.10 -35.36 -8.58
C CYS A 29 -11.33 -34.38 -8.78
N CYS A 30 -11.46 -33.75 -9.96
CA CYS A 30 -12.64 -33.01 -10.41
C CYS A 30 -13.84 -33.98 -10.47
N TYR A 31 -13.60 -35.22 -10.89
CA TYR A 31 -14.62 -36.25 -10.93
C TYR A 31 -15.13 -36.55 -9.54
N ASP A 32 -14.25 -36.93 -8.58
CA ASP A 32 -14.69 -37.26 -7.23
C ASP A 32 -15.51 -36.16 -6.58
N HIS A 33 -15.21 -34.90 -6.92
CA HIS A 33 -15.93 -33.73 -6.42
C HIS A 33 -17.34 -33.66 -7.05
N VAL A 34 -17.42 -33.61 -8.39
CA VAL A 34 -18.71 -33.49 -9.06
C VAL A 34 -19.65 -34.67 -8.80
N ILE A 35 -19.13 -35.90 -8.72
CA ILE A 35 -19.99 -37.08 -8.54
C ILE A 35 -20.46 -37.31 -7.10
N SER A 36 -19.96 -36.52 -6.13
CA SER A 36 -20.38 -36.72 -4.72
C SER A 36 -20.91 -35.46 -4.03
N THR A 37 -21.01 -34.35 -4.75
CA THR A 37 -21.57 -33.09 -4.24
C THR A 37 -22.63 -32.58 -5.26
N SER A 38 -23.37 -31.50 -4.90
CA SER A 38 -24.30 -30.80 -5.77
C SER A 38 -23.55 -30.03 -6.89
N HIS A 39 -22.21 -29.86 -6.76
CA HIS A 39 -21.40 -29.10 -7.70
C HIS A 39 -21.19 -29.87 -9.01
N LYS A 40 -21.81 -29.42 -10.11
CA LYS A 40 -21.68 -30.13 -11.39
C LYS A 40 -21.17 -29.26 -12.52
N LEU A 41 -20.99 -27.94 -12.32
CA LEU A 41 -20.49 -27.07 -13.36
C LEU A 41 -18.96 -27.11 -13.40
N VAL A 42 -18.39 -27.52 -14.53
CA VAL A 42 -16.92 -27.58 -14.73
C VAL A 42 -16.52 -26.51 -15.74
N LEU A 43 -15.49 -25.72 -15.42
CA LEU A 43 -15.02 -24.65 -16.31
C LEU A 43 -13.67 -25.01 -16.95
N SER A 44 -13.37 -24.39 -18.11
CA SER A 44 -12.11 -24.50 -18.87
C SER A 44 -11.96 -23.14 -19.63
N VAL A 45 -11.25 -23.08 -20.78
CA VAL A 45 -11.19 -21.84 -21.59
C VAL A 45 -12.64 -21.51 -22.05
N ASN A 46 -13.33 -22.58 -22.49
CA ASN A 46 -14.73 -22.73 -22.88
C ASN A 46 -15.32 -23.67 -21.80
N PRO A 47 -16.37 -23.24 -21.09
CA PRO A 47 -16.95 -24.09 -20.02
C PRO A 47 -17.62 -25.37 -20.50
N TYR A 48 -17.95 -26.28 -19.57
CA TYR A 48 -18.61 -27.52 -19.93
C TYR A 48 -20.09 -27.32 -19.84
N VAL A 49 -20.65 -26.94 -20.98
CA VAL A 49 -22.06 -26.64 -21.20
C VAL A 49 -22.40 -27.17 -22.62
N CYS A 50 -23.67 -27.56 -22.85
CA CYS A 50 -24.06 -28.04 -24.16
C CYS A 50 -23.98 -26.88 -25.17
N ASN A 51 -23.18 -27.11 -26.20
CA ASN A 51 -22.93 -26.16 -27.27
C ASN A 51 -24.13 -25.95 -28.22
N ALA A 52 -25.15 -26.87 -28.14
CA ALA A 52 -26.35 -26.82 -28.97
C ALA A 52 -27.13 -25.55 -28.64
N PRO A 53 -27.62 -24.82 -29.67
CA PRO A 53 -28.36 -23.57 -29.42
C PRO A 53 -29.56 -23.68 -28.47
N GLY A 54 -29.55 -22.83 -27.44
CA GLY A 54 -30.63 -22.74 -26.47
C GLY A 54 -30.74 -23.89 -25.50
N CYS A 55 -29.72 -24.75 -25.42
CA CYS A 55 -29.74 -25.88 -24.51
C CYS A 55 -29.16 -25.47 -23.17
N ASP A 56 -29.84 -25.81 -22.03
CA ASP A 56 -29.39 -25.43 -20.69
C ASP A 56 -28.67 -26.54 -19.91
N VAL A 57 -28.13 -27.57 -20.59
CA VAL A 57 -27.39 -28.63 -19.89
C VAL A 57 -25.97 -28.15 -19.53
N THR A 58 -25.71 -28.01 -18.19
CA THR A 58 -24.43 -27.58 -17.59
C THR A 58 -23.82 -28.65 -16.66
N ASP A 59 -24.58 -29.71 -16.33
CA ASP A 59 -24.11 -30.79 -15.47
C ASP A 59 -23.13 -31.62 -16.28
N VAL A 60 -21.87 -31.69 -15.83
CA VAL A 60 -20.79 -32.42 -16.50
C VAL A 60 -21.08 -33.95 -16.62
N THR A 61 -21.86 -34.51 -15.69
CA THR A 61 -22.21 -35.95 -15.70
C THR A 61 -23.24 -36.31 -16.80
N GLN A 62 -23.92 -35.27 -17.35
CA GLN A 62 -24.89 -35.36 -18.44
C GLN A 62 -24.32 -34.75 -19.74
N LEU A 63 -22.99 -34.54 -19.83
CA LEU A 63 -22.38 -33.96 -21.02
C LEU A 63 -21.35 -34.89 -21.65
N TYR A 64 -21.04 -34.65 -22.95
CA TYR A 64 -20.18 -35.47 -23.82
C TYR A 64 -19.31 -34.59 -24.73
N LEU A 65 -18.20 -35.16 -25.23
CA LEU A 65 -17.29 -34.54 -26.19
C LEU A 65 -17.61 -35.04 -27.62
N GLY A 66 -18.09 -34.13 -28.49
CA GLY A 66 -18.39 -34.41 -29.88
C GLY A 66 -17.45 -33.63 -30.78
N GLY A 67 -16.29 -34.22 -31.00
CA GLY A 67 -15.21 -33.60 -31.74
C GLY A 67 -14.37 -32.71 -30.84
N MET A 68 -14.57 -31.40 -30.98
CA MET A 68 -13.88 -30.41 -30.13
C MET A 68 -14.86 -29.64 -29.21
N SER A 69 -16.18 -29.89 -29.35
CA SER A 69 -17.26 -29.25 -28.62
C SER A 69 -17.97 -30.19 -27.60
N TYR A 70 -18.85 -29.61 -26.79
CA TYR A 70 -19.55 -30.37 -25.75
C TYR A 70 -21.05 -30.36 -25.97
N TYR A 71 -21.74 -31.51 -25.70
CA TYR A 71 -23.19 -31.68 -25.88
C TYR A 71 -23.82 -32.62 -24.84
N CYS A 72 -25.12 -32.49 -24.58
CA CYS A 72 -25.83 -33.40 -23.66
C CYS A 72 -26.21 -34.73 -24.39
N LYS A 73 -26.94 -35.64 -23.69
CA LYS A 73 -27.39 -36.92 -24.24
C LYS A 73 -28.37 -36.74 -25.43
N SER A 74 -29.10 -35.58 -25.48
CA SER A 74 -30.07 -35.20 -26.53
C SER A 74 -29.46 -34.49 -27.75
N HIS A 75 -28.23 -33.97 -27.63
CA HIS A 75 -27.64 -33.23 -28.73
C HIS A 75 -26.32 -33.79 -29.26
N LYS A 76 -25.75 -34.78 -28.58
CA LYS A 76 -24.46 -35.33 -28.97
C LYS A 76 -24.51 -36.04 -30.32
N PRO A 77 -23.41 -35.98 -31.09
CA PRO A 77 -23.36 -36.76 -32.34
C PRO A 77 -23.11 -38.24 -32.03
N PRO A 78 -23.30 -39.17 -32.99
CA PRO A 78 -23.07 -40.60 -32.69
C PRO A 78 -21.68 -40.90 -32.13
N ILE A 79 -20.66 -40.15 -32.58
CA ILE A 79 -19.31 -40.35 -32.09
C ILE A 79 -18.97 -39.31 -31.03
N SER A 80 -19.36 -39.66 -29.78
CA SER A 80 -19.18 -38.85 -28.61
C SER A 80 -18.75 -39.64 -27.38
N PHE A 81 -17.98 -38.99 -26.54
CA PHE A 81 -17.41 -39.58 -25.35
C PHE A 81 -17.95 -38.85 -24.13
N PRO A 82 -18.48 -39.54 -23.11
CA PRO A 82 -18.91 -38.81 -21.90
C PRO A 82 -17.75 -38.09 -21.19
N LEU A 83 -17.98 -36.83 -20.76
CA LEU A 83 -16.94 -36.08 -20.02
C LEU A 83 -16.60 -36.81 -18.71
N CYS A 84 -17.58 -37.53 -18.12
CA CYS A 84 -17.42 -38.31 -16.89
C CYS A 84 -17.38 -39.80 -17.14
N ALA A 85 -16.21 -40.42 -16.93
CA ALA A 85 -16.02 -41.85 -17.09
C ALA A 85 -14.73 -42.30 -16.42
N ASN A 86 -14.70 -43.55 -15.92
CA ASN A 86 -13.52 -44.14 -15.29
C ASN A 86 -12.87 -43.24 -14.22
N GLY A 87 -13.70 -42.62 -13.39
CA GLY A 87 -13.25 -41.75 -12.31
C GLY A 87 -12.56 -40.48 -12.76
N GLN A 88 -12.85 -40.02 -13.99
CA GLN A 88 -12.21 -38.82 -14.52
C GLN A 88 -13.16 -37.88 -15.24
N VAL A 89 -12.84 -36.59 -15.25
CA VAL A 89 -13.56 -35.57 -16.00
C VAL A 89 -12.60 -35.19 -17.13
N PHE A 90 -13.06 -35.23 -18.38
CA PHE A 90 -12.21 -34.95 -19.53
C PHE A 90 -11.61 -33.56 -19.48
N GLY A 91 -10.30 -33.48 -19.60
CA GLY A 91 -9.58 -32.22 -19.60
C GLY A 91 -8.14 -32.40 -20.01
N LEU A 92 -7.44 -31.28 -20.25
CA LEU A 92 -6.03 -31.32 -20.60
C LEU A 92 -5.19 -31.92 -19.47
N TYR A 93 -4.06 -32.54 -19.83
CA TYR A 93 -3.06 -33.16 -18.94
C TYR A 93 -3.60 -34.39 -18.20
N LYS A 94 -4.55 -35.11 -18.82
CA LYS A 94 -5.21 -36.31 -18.32
C LYS A 94 -4.27 -37.44 -17.92
N VAL A 103 -10.45 -36.30 -0.47
CA VAL A 103 -11.44 -35.56 -1.29
C VAL A 103 -12.70 -35.32 -0.50
N THR A 104 -13.11 -36.26 0.39
CA THR A 104 -14.23 -36.10 1.31
C THR A 104 -14.13 -34.74 2.08
N ASP A 105 -12.90 -34.41 2.52
CA ASP A 105 -12.62 -33.16 3.23
C ASP A 105 -12.77 -31.93 2.31
N PHE A 106 -12.29 -32.02 1.07
CA PHE A 106 -12.42 -30.92 0.11
C PHE A 106 -13.92 -30.66 -0.18
N ASN A 107 -14.70 -31.73 -0.32
CA ASN A 107 -16.13 -31.65 -0.60
C ASN A 107 -16.85 -30.89 0.50
N ALA A 108 -16.50 -31.21 1.76
CA ALA A 108 -17.08 -30.58 2.91
C ALA A 108 -16.75 -29.07 2.97
N ILE A 109 -15.49 -28.69 2.69
CA ILE A 109 -15.07 -27.28 2.68
C ILE A 109 -15.78 -26.50 1.53
N ALA A 110 -15.84 -27.11 0.34
CA ALA A 110 -16.44 -26.50 -0.85
C ALA A 110 -17.94 -26.27 -0.73
N THR A 111 -18.66 -27.15 0.01
CA THR A 111 -20.12 -27.09 0.15
C THR A 111 -20.69 -26.52 1.47
N CYS A 112 -19.88 -26.48 2.54
CA CYS A 112 -20.35 -25.99 3.83
C CYS A 112 -20.73 -24.48 3.86
N ASP A 113 -21.65 -24.12 4.78
CA ASP A 113 -22.07 -22.72 4.92
C ASP A 113 -21.26 -21.93 5.99
N TRP A 114 -20.28 -22.59 6.67
CA TRP A 114 -19.41 -22.00 7.69
C TRP A 114 -20.14 -21.57 8.97
N THR A 115 -21.35 -22.11 9.22
CA THR A 115 -22.13 -21.77 10.40
C THR A 115 -21.95 -22.82 11.54
N ASN A 116 -21.32 -23.94 11.26
CA ASN A 116 -21.10 -25.02 12.23
C ASN A 116 -19.63 -25.01 12.63
N ALA A 117 -19.38 -25.42 13.88
CA ALA A 117 -18.04 -25.53 14.44
C ALA A 117 -17.21 -26.58 13.69
N GLY A 118 -17.85 -27.68 13.28
CA GLY A 118 -17.22 -28.76 12.53
C GLY A 118 -16.60 -28.35 11.20
N ASP A 119 -17.06 -27.19 10.66
CA ASP A 119 -16.54 -26.60 9.42
C ASP A 119 -15.14 -26.02 9.65
N TYR A 120 -14.93 -25.41 10.85
CA TYR A 120 -13.68 -24.81 11.29
C TYR A 120 -12.70 -25.85 11.78
N ILE A 121 -13.22 -26.96 12.37
CA ILE A 121 -12.44 -28.10 12.83
C ILE A 121 -11.78 -28.71 11.61
N LEU A 122 -12.57 -28.96 10.55
CA LEU A 122 -12.08 -29.50 9.30
C LEU A 122 -11.09 -28.55 8.62
N ALA A 123 -11.39 -27.24 8.60
CA ALA A 123 -10.49 -26.25 7.99
C ALA A 123 -9.10 -26.18 8.67
N ASN A 124 -8.94 -26.89 9.80
CA ASN A 124 -7.70 -26.94 10.59
C ASN A 124 -7.09 -28.32 10.76
N THR A 125 -7.79 -29.35 10.33
CA THR A 125 -7.25 -30.71 10.38
C THR A 125 -6.85 -31.26 9.00
N CYS A 126 -7.15 -30.51 7.92
CA CYS A 126 -6.90 -30.89 6.54
C CYS A 126 -5.44 -30.59 6.08
N THR A 127 -5.08 -30.99 4.84
CA THR A 127 -3.74 -30.72 4.30
C THR A 127 -3.48 -29.21 4.19
N GLU A 128 -2.23 -28.82 4.06
CA GLU A 128 -1.87 -27.42 3.94
C GLU A 128 -2.56 -26.69 2.77
N ARG A 129 -2.65 -27.33 1.58
CA ARG A 129 -3.34 -26.65 0.47
C ARG A 129 -4.82 -26.47 0.80
N LEU A 130 -5.42 -27.48 1.48
CA LEU A 130 -6.84 -27.42 1.88
C LEU A 130 -7.10 -26.39 2.96
N LYS A 131 -6.08 -26.07 3.78
CA LYS A 131 -6.19 -25.05 4.79
C LYS A 131 -6.34 -23.70 4.09
N LEU A 132 -5.56 -23.47 2.99
CA LEU A 132 -5.67 -22.20 2.25
C LEU A 132 -6.95 -22.09 1.46
N PHE A 133 -7.44 -23.23 0.91
CA PHE A 133 -8.71 -23.28 0.16
C PHE A 133 -9.83 -22.96 1.14
N ALA A 134 -9.82 -23.59 2.34
CA ALA A 134 -10.82 -23.33 3.37
C ALA A 134 -10.79 -21.89 3.85
N ALA A 135 -9.60 -21.30 4.00
CA ALA A 135 -9.46 -19.93 4.49
C ALA A 135 -9.96 -18.90 3.47
N GLU A 136 -9.65 -19.12 2.22
CA GLU A 136 -10.07 -18.27 1.09
C GLU A 136 -11.62 -18.37 0.93
N THR A 137 -12.16 -19.60 0.97
CA THR A 137 -13.58 -19.87 0.79
C THR A 137 -14.39 -19.23 1.93
N LEU A 138 -13.91 -19.42 3.18
CA LEU A 138 -14.54 -18.89 4.38
C LEU A 138 -14.55 -17.38 4.31
N LYS A 139 -13.41 -16.74 4.02
CA LYS A 139 -13.36 -15.28 3.99
C LYS A 139 -14.27 -14.71 2.93
N ALA A 140 -14.28 -15.35 1.74
CA ALA A 140 -15.16 -14.93 0.64
C ALA A 140 -16.62 -15.07 1.05
N THR A 141 -16.95 -16.16 1.77
CA THR A 141 -18.30 -16.40 2.29
C THR A 141 -18.70 -15.33 3.31
N GLU A 142 -17.80 -15.00 4.26
CA GLU A 142 -17.98 -13.98 5.29
C GLU A 142 -18.28 -12.60 4.66
N GLU A 143 -17.72 -12.33 3.44
CA GLU A 143 -17.87 -11.08 2.69
C GLU A 143 -19.19 -11.01 1.91
N THR A 144 -19.54 -12.08 1.19
CA THR A 144 -20.86 -12.14 0.53
C THR A 144 -22.00 -12.08 1.58
N PHE A 145 -21.71 -12.46 2.85
CA PHE A 145 -22.69 -12.37 3.91
C PHE A 145 -22.93 -10.92 4.38
N LYS A 146 -21.95 -10.03 4.16
CA LYS A 146 -22.09 -8.62 4.50
C LYS A 146 -23.09 -7.93 3.56
N LEU A 147 -23.12 -8.33 2.28
CA LEU A 147 -24.10 -7.81 1.31
C LEU A 147 -25.55 -8.05 1.78
N SER A 148 -25.76 -9.08 2.63
CA SER A 148 -27.02 -9.59 3.19
C SER A 148 -27.47 -8.91 4.51
N TYR A 149 -27.55 -7.58 4.52
CA TYR A 149 -27.99 -6.82 5.71
C TYR A 149 -28.80 -5.55 5.30
N GLY A 150 -29.39 -4.85 6.27
CA GLY A 150 -30.17 -3.64 6.04
C GLY A 150 -29.41 -2.33 6.22
N ILE A 151 -29.47 -1.43 5.22
CA ILE A 151 -28.78 -0.13 5.21
C ILE A 151 -29.40 0.84 6.24
N ALA A 152 -28.60 1.68 6.96
CA ALA A 152 -29.16 2.63 7.94
C ALA A 152 -28.98 4.07 7.49
N THR A 153 -30.08 4.78 7.17
CA THR A 153 -30.01 6.18 6.72
C THR A 153 -30.32 7.12 7.90
N VAL A 154 -29.41 8.09 8.17
CA VAL A 154 -29.52 9.07 9.26
C VAL A 154 -30.84 9.84 9.23
N ARG A 155 -31.57 9.79 10.35
CA ARG A 155 -32.83 10.51 10.48
C ARG A 155 -32.59 11.88 11.14
N GLU A 156 -31.90 11.91 12.32
CA GLU A 156 -31.59 13.17 13.00
C GLU A 156 -30.32 13.13 13.87
N VAL A 157 -29.59 14.24 13.92
CA VAL A 157 -28.38 14.36 14.72
C VAL A 157 -28.81 14.96 16.06
N LEU A 158 -28.68 14.21 17.16
CA LEU A 158 -29.06 14.74 18.48
C LEU A 158 -27.95 15.67 19.02
N SER A 159 -26.73 15.14 19.10
CA SER A 159 -25.57 15.85 19.61
C SER A 159 -24.29 15.42 18.84
N ASP A 160 -23.09 15.54 19.47
CA ASP A 160 -21.82 15.15 18.86
C ASP A 160 -21.48 13.66 19.07
N ARG A 161 -22.21 12.94 19.96
CA ARG A 161 -21.97 11.51 20.18
C ARG A 161 -23.24 10.66 20.24
N GLU A 162 -24.41 11.22 19.86
CA GLU A 162 -25.68 10.47 19.82
C GLU A 162 -26.51 10.85 18.58
N LEU A 163 -27.14 9.86 17.94
CA LEU A 163 -28.02 10.12 16.77
C LEU A 163 -29.18 9.09 16.69
N HIS A 164 -30.17 9.33 15.79
CA HIS A 164 -31.30 8.44 15.58
C HIS A 164 -31.30 7.83 14.16
N LEU A 165 -31.44 6.49 14.05
CA LEU A 165 -31.39 5.79 12.76
C LEU A 165 -32.70 5.17 12.24
N SER A 166 -32.89 5.22 10.91
CA SER A 166 -34.03 4.60 10.21
C SER A 166 -33.45 3.42 9.40
N TRP A 167 -33.88 2.19 9.73
CA TRP A 167 -33.34 0.96 9.13
C TRP A 167 -34.10 0.40 7.94
N GLU A 168 -33.38 -0.23 6.98
CA GLU A 168 -33.99 -0.83 5.78
C GLU A 168 -34.95 -1.97 6.18
N VAL A 169 -36.22 -1.85 5.77
CA VAL A 169 -37.25 -2.85 6.08
C VAL A 169 -37.08 -4.08 5.20
N GLY A 170 -37.42 -5.25 5.73
CA GLY A 170 -37.33 -6.51 4.99
C GLY A 170 -35.95 -7.16 4.98
N LYS A 171 -34.92 -6.42 5.38
CA LYS A 171 -33.54 -6.93 5.45
C LYS A 171 -33.09 -6.89 6.91
N PRO A 172 -32.52 -8.00 7.42
CA PRO A 172 -32.13 -8.06 8.84
C PRO A 172 -31.17 -6.95 9.30
N ARG A 173 -31.23 -6.64 10.60
CA ARG A 173 -30.39 -5.60 11.19
C ARG A 173 -29.10 -6.19 11.79
N PRO A 174 -27.93 -5.64 11.42
CA PRO A 174 -26.68 -6.16 11.98
C PRO A 174 -26.50 -5.77 13.45
N PRO A 175 -25.77 -6.62 14.22
CA PRO A 175 -25.58 -6.33 15.66
C PRO A 175 -24.95 -4.98 16.01
N LEU A 176 -25.67 -4.19 16.82
CA LEU A 176 -25.21 -2.88 17.26
C LEU A 176 -24.27 -2.99 18.47
N ASN A 177 -22.99 -3.20 18.18
CA ASN A 177 -21.93 -3.37 19.15
C ASN A 177 -20.54 -2.98 18.56
N ARG A 178 -19.45 -3.03 19.35
CA ARG A 178 -18.11 -2.72 18.86
C ARG A 178 -17.46 -3.89 18.11
N ASN A 179 -18.27 -4.69 17.40
CA ASN A 179 -17.83 -5.84 16.61
C ASN A 179 -18.12 -5.67 15.10
N TYR A 180 -18.86 -4.62 14.69
CA TYR A 180 -19.30 -4.32 13.33
C TYR A 180 -18.87 -2.89 12.90
N VAL A 181 -17.93 -2.79 11.94
CA VAL A 181 -17.45 -1.48 11.50
C VAL A 181 -18.00 -1.06 10.12
N PHE A 182 -18.97 -0.17 10.14
CA PHE A 182 -19.63 0.36 8.97
C PHE A 182 -18.73 1.27 8.14
N THR A 183 -19.23 1.69 6.98
CA THR A 183 -18.54 2.61 6.09
C THR A 183 -19.59 3.60 5.60
N GLY A 184 -19.54 4.81 6.12
CA GLY A 184 -20.47 5.85 5.74
C GLY A 184 -20.09 6.54 4.43
N TYR A 185 -21.10 7.13 3.75
CA TYR A 185 -20.96 7.81 2.46
C TYR A 185 -21.81 9.10 2.39
N GLN A 194 -18.27 9.18 1.28
CA GLN A 194 -17.13 8.37 1.72
C GLN A 194 -16.60 8.91 3.05
N ILE A 195 -17.54 9.27 3.97
CA ILE A 195 -17.30 9.94 5.27
C ILE A 195 -16.55 9.08 6.34
N GLY A 196 -15.75 8.12 5.93
CA GLY A 196 -14.96 7.32 6.86
C GLY A 196 -15.78 6.30 7.62
N GLU A 197 -15.08 5.32 8.19
CA GLU A 197 -15.70 4.23 8.93
C GLU A 197 -16.41 4.70 10.20
N TYR A 198 -17.53 4.07 10.53
CA TYR A 198 -18.34 4.42 11.71
C TYR A 198 -18.71 3.14 12.49
N THR A 199 -18.92 3.25 13.82
CA THR A 199 -19.34 2.14 14.70
C THR A 199 -20.56 2.55 15.56
N PHE A 200 -21.37 1.58 16.05
CA PHE A 200 -22.59 1.89 16.83
C PHE A 200 -22.78 1.09 18.14
N GLU A 201 -23.42 1.72 19.15
CA GLU A 201 -23.71 1.12 20.46
C GLU A 201 -25.10 1.52 20.99
N LYS A 202 -25.66 0.72 21.92
CA LYS A 202 -26.96 0.92 22.55
C LYS A 202 -27.25 2.39 22.98
N ASP A 207 -34.90 4.36 21.97
CA ASP A 207 -34.48 4.85 20.66
C ASP A 207 -33.12 5.55 20.65
N ALA A 208 -32.51 5.82 21.82
CA ALA A 208 -31.23 6.51 21.91
C ALA A 208 -30.03 5.64 21.49
N VAL A 209 -29.44 5.91 20.31
CA VAL A 209 -28.29 5.16 19.79
C VAL A 209 -27.01 6.04 19.86
N VAL A 210 -25.84 5.41 20.05
CA VAL A 210 -24.57 6.11 20.20
C VAL A 210 -23.64 5.94 18.95
N TYR A 211 -23.22 7.06 18.29
CA TYR A 211 -22.39 6.99 17.08
C TYR A 211 -20.89 7.29 17.28
N ARG A 212 -20.00 6.38 16.81
CA ARG A 212 -18.55 6.55 16.97
C ARG A 212 -17.83 6.58 15.62
N GLY A 213 -17.95 7.68 14.92
CA GLY A 213 -17.31 7.85 13.62
C GLY A 213 -15.82 8.10 13.73
N THR A 214 -15.03 7.30 13.02
CA THR A 214 -13.57 7.43 13.01
C THR A 214 -13.15 8.82 12.50
N THR A 215 -13.88 9.35 11.53
CA THR A 215 -13.60 10.68 11.01
C THR A 215 -14.64 11.63 11.60
N THR A 216 -14.20 12.71 12.22
CA THR A 216 -15.13 13.66 12.84
C THR A 216 -15.80 14.56 11.80
N TYR A 217 -16.87 14.05 11.20
CA TYR A 217 -17.65 14.82 10.25
C TYR A 217 -19.09 14.75 10.72
N LYS A 218 -19.73 15.92 10.91
CA LYS A 218 -21.11 16.02 11.39
C LYS A 218 -22.05 15.23 10.50
N LEU A 219 -22.47 14.02 10.95
CA LEU A 219 -23.33 13.06 10.23
C LEU A 219 -24.56 13.68 9.60
N ASN A 220 -24.42 14.18 8.36
CA ASN A 220 -25.49 14.85 7.62
C ASN A 220 -26.69 13.95 7.45
N VAL A 221 -27.88 14.51 7.70
CA VAL A 221 -29.14 13.79 7.55
C VAL A 221 -29.33 13.49 6.05
N GLY A 222 -29.57 12.22 5.74
CA GLY A 222 -29.70 11.79 4.36
C GLY A 222 -28.57 10.85 3.98
N ASP A 223 -27.35 11.14 4.47
CA ASP A 223 -26.20 10.29 4.22
C ASP A 223 -26.41 8.91 4.87
N TYR A 224 -25.88 7.86 4.24
CA TYR A 224 -26.06 6.47 4.68
C TYR A 224 -24.75 5.75 5.05
N PHE A 225 -24.86 4.66 5.83
CA PHE A 225 -23.71 3.81 6.17
C PHE A 225 -23.96 2.42 5.55
N VAL A 226 -22.89 1.69 5.21
CA VAL A 226 -22.96 0.34 4.64
C VAL A 226 -21.72 -0.49 5.11
N LEU A 227 -21.90 -1.76 5.52
CA LEU A 227 -20.77 -2.60 5.94
C LEU A 227 -19.76 -2.88 4.84
N THR A 228 -18.48 -2.63 5.14
CA THR A 228 -17.36 -2.76 4.22
C THR A 228 -17.10 -4.15 3.67
N SER A 229 -17.77 -4.50 2.56
CA SER A 229 -17.54 -5.78 1.92
C SER A 229 -16.27 -5.65 1.09
N HIS A 230 -15.17 -6.32 1.49
CA HIS A 230 -13.92 -6.25 0.74
C HIS A 230 -13.61 -7.55 0.01
N THR A 231 -13.08 -7.42 -1.20
CA THR A 231 -12.70 -8.52 -2.09
C THR A 231 -11.73 -9.46 -1.39
N VAL A 232 -11.95 -10.76 -1.52
CA VAL A 232 -11.07 -11.75 -0.90
C VAL A 232 -10.01 -12.19 -1.88
N MET A 233 -8.78 -11.82 -1.58
CA MET A 233 -7.64 -12.13 -2.43
C MET A 233 -7.23 -13.58 -2.24
N PRO A 234 -6.64 -14.18 -3.27
CA PRO A 234 -6.20 -15.59 -3.14
C PRO A 234 -5.00 -15.74 -2.22
N LEU A 235 -4.93 -16.91 -1.59
CA LEU A 235 -3.84 -17.29 -0.72
C LEU A 235 -2.88 -18.14 -1.54
N SER A 236 -1.58 -17.99 -1.30
CA SER A 236 -0.55 -18.73 -2.04
C SER A 236 0.40 -19.43 -1.08
N ALA A 237 0.90 -18.66 -0.09
CA ALA A 237 1.83 -19.12 0.93
C ALA A 237 1.15 -20.00 1.99
N PRO A 238 1.84 -21.02 2.55
CA PRO A 238 1.21 -21.84 3.61
C PRO A 238 0.94 -21.04 4.91
N THR A 239 0.10 -21.60 5.80
CA THR A 239 -0.17 -20.95 7.09
C THR A 239 1.09 -20.93 7.94
N LEU A 240 1.88 -22.02 7.86
CA LEU A 240 3.17 -22.27 8.50
C LEU A 240 4.16 -22.77 7.46
N VAL A 241 5.32 -22.11 7.31
CA VAL A 241 6.34 -22.63 6.37
C VAL A 241 6.83 -24.02 6.87
N PRO A 242 7.47 -24.86 6.04
CA PRO A 242 7.95 -26.16 6.56
C PRO A 242 9.01 -25.89 7.64
N GLN A 243 8.91 -26.63 8.74
CA GLN A 243 9.79 -26.47 9.88
C GLN A 243 11.20 -26.93 9.59
N GLU A 244 12.19 -26.14 10.00
CA GLU A 244 13.58 -26.51 9.87
C GLU A 244 14.26 -26.37 11.19
N HIS A 245 15.03 -27.38 11.57
CA HIS A 245 15.81 -27.33 12.78
C HIS A 245 17.26 -27.20 12.41
N TYR A 246 17.96 -26.35 13.13
CA TYR A 246 19.37 -26.08 12.86
C TYR A 246 20.24 -26.54 14.02
N VAL A 247 21.52 -26.78 13.72
CA VAL A 247 22.52 -27.20 14.72
C VAL A 247 23.17 -25.98 15.40
N ARG A 248 23.21 -24.84 14.70
CA ARG A 248 23.73 -23.58 15.18
C ARG A 248 22.67 -22.49 14.98
N ILE A 249 22.86 -21.31 15.61
CA ILE A 249 22.01 -20.14 15.41
C ILE A 249 22.30 -19.66 13.99
N THR A 250 21.26 -19.54 13.20
CA THR A 250 21.38 -19.27 11.78
C THR A 250 21.01 -17.83 11.37
N GLY A 251 21.92 -17.13 10.72
CA GLY A 251 21.70 -15.77 10.22
C GLY A 251 21.45 -14.70 11.26
N LEU A 252 21.69 -15.04 12.51
CA LEU A 252 21.48 -14.14 13.63
C LEU A 252 22.77 -14.09 14.45
N TYR A 253 23.10 -12.89 14.97
CA TYR A 253 24.33 -12.70 15.73
C TYR A 253 24.05 -12.28 17.17
N PRO A 254 24.18 -13.24 18.13
CA PRO A 254 23.86 -12.95 19.54
C PRO A 254 24.80 -12.00 20.24
N THR A 255 24.41 -11.43 21.39
CA THR A 255 25.34 -10.62 22.20
C THR A 255 25.70 -11.42 23.44
N LEU A 256 26.93 -11.27 23.88
CA LEU A 256 27.34 -11.83 25.15
C LEU A 256 27.01 -10.85 26.31
N ASN A 257 26.81 -9.57 25.97
CA ASN A 257 26.39 -8.52 26.86
C ASN A 257 24.87 -8.40 26.76
N ILE A 258 24.14 -9.32 27.38
CA ILE A 258 22.68 -9.26 27.39
C ILE A 258 22.27 -8.89 28.83
N SER A 259 21.45 -7.82 29.02
CA SER A 259 21.12 -7.36 30.36
C SER A 259 20.36 -8.40 31.16
N ASP A 260 20.66 -8.46 32.47
CA ASP A 260 20.05 -9.44 33.37
C ASP A 260 18.52 -9.47 33.30
N GLU A 261 17.92 -8.36 32.85
CA GLU A 261 16.50 -8.16 32.63
C GLU A 261 15.93 -9.29 31.74
N PHE A 262 16.64 -9.58 30.64
CA PHE A 262 16.31 -10.56 29.60
C PHE A 262 17.06 -11.89 29.75
N SER A 263 17.83 -12.06 30.82
CA SER A 263 18.63 -13.24 31.09
C SER A 263 17.82 -14.52 31.15
N SER A 264 16.61 -14.47 31.70
CA SER A 264 15.75 -15.65 31.80
C SER A 264 15.35 -16.23 30.45
N ASN A 265 15.35 -15.38 29.40
CA ASN A 265 14.94 -15.73 28.04
C ASN A 265 16.08 -16.09 27.11
N VAL A 266 17.34 -16.21 27.60
CA VAL A 266 18.48 -16.50 26.73
C VAL A 266 18.35 -17.84 26.01
N ALA A 267 17.96 -18.90 26.75
CA ALA A 267 17.81 -20.24 26.18
C ALA A 267 16.68 -20.24 25.11
N ASN A 268 15.59 -19.47 25.37
CA ASN A 268 14.49 -19.36 24.41
C ASN A 268 14.86 -18.55 23.16
N TYR A 269 15.66 -17.47 23.32
CA TYR A 269 16.12 -16.67 22.18
C TYR A 269 17.08 -17.48 21.32
N GLN A 270 17.86 -18.39 21.92
CA GLN A 270 18.76 -19.23 21.19
C GLN A 270 17.96 -20.26 20.41
N LYS A 271 16.95 -20.89 21.06
CA LYS A 271 15.99 -21.82 20.44
C LYS A 271 15.36 -21.16 19.19
N VAL A 272 15.01 -19.84 19.29
CA VAL A 272 14.48 -19.02 18.19
C VAL A 272 15.43 -19.02 16.95
N GLY A 273 16.73 -18.83 17.18
CA GLY A 273 17.71 -18.80 16.10
C GLY A 273 18.10 -20.17 15.57
N MET A 274 17.69 -21.23 16.27
CA MET A 274 18.00 -22.60 15.88
C MET A 274 16.87 -23.38 15.23
N GLN A 275 15.82 -22.68 14.83
CA GLN A 275 14.63 -23.24 14.18
C GLN A 275 14.10 -22.20 13.17
N LYS A 276 13.40 -22.66 12.11
CA LYS A 276 12.78 -21.74 11.16
C LYS A 276 11.66 -20.95 11.89
N TYR A 277 10.75 -21.65 12.56
CA TYR A 277 9.69 -20.98 13.31
C TYR A 277 9.56 -21.56 14.71
N SER A 278 9.11 -20.75 15.65
CA SER A 278 8.91 -21.22 17.04
C SER A 278 7.61 -20.67 17.64
N THR A 279 6.98 -21.47 18.52
CA THR A 279 5.74 -21.06 19.20
C THR A 279 6.01 -20.73 20.66
N LEU A 280 5.46 -19.62 21.13
CA LEU A 280 5.60 -19.23 22.53
C LEU A 280 4.20 -19.09 23.15
N GLN A 281 3.85 -19.96 24.13
CA GLN A 281 2.61 -19.78 24.87
C GLN A 281 2.96 -18.95 26.11
N GLY A 282 2.42 -17.75 26.15
CA GLY A 282 2.60 -16.87 27.28
C GLY A 282 1.27 -16.49 27.91
N PRO A 283 0.83 -17.22 28.99
CA PRO A 283 -0.35 -16.77 29.75
C PRO A 283 -0.37 -15.27 30.09
N PRO A 284 -1.50 -14.70 30.56
CA PRO A 284 -1.51 -13.24 30.85
C PRO A 284 -0.43 -12.84 31.85
N GLY A 285 0.28 -11.77 31.51
CA GLY A 285 1.28 -11.19 32.36
C GLY A 285 2.51 -12.02 32.64
N THR A 286 2.85 -12.92 31.72
CA THR A 286 4.05 -13.73 31.84
C THR A 286 5.26 -13.18 31.05
N GLY A 287 5.08 -12.07 30.36
CA GLY A 287 6.18 -11.42 29.65
C GLY A 287 6.32 -11.63 28.16
N LYS A 288 5.19 -11.73 27.41
CA LYS A 288 5.25 -11.89 25.96
C LYS A 288 5.86 -10.66 25.27
N SER A 289 5.43 -9.43 25.64
CA SER A 289 5.95 -8.23 25.01
C SER A 289 7.42 -8.03 25.36
N HIS A 290 7.80 -8.34 26.61
CA HIS A 290 9.17 -8.27 27.12
C HIS A 290 10.05 -9.26 26.34
N PHE A 291 9.54 -10.47 26.09
CA PHE A 291 10.24 -11.47 25.31
C PHE A 291 10.43 -10.97 23.87
N ALA A 292 9.36 -10.51 23.23
CA ALA A 292 9.40 -10.03 21.85
C ALA A 292 10.45 -8.93 21.65
N ILE A 293 10.51 -7.93 22.55
CA ILE A 293 11.45 -6.82 22.47
C ILE A 293 12.88 -7.25 22.87
N GLY A 294 13.00 -8.11 23.88
CA GLY A 294 14.28 -8.63 24.32
C GLY A 294 15.00 -9.49 23.29
N LEU A 295 14.24 -10.05 22.37
CA LEU A 295 14.78 -10.83 21.26
C LEU A 295 15.61 -9.91 20.33
N ALA A 296 15.21 -8.61 20.20
CA ALA A 296 15.92 -7.58 19.46
C ALA A 296 17.22 -7.20 20.16
N LEU A 297 17.23 -7.21 21.49
CA LEU A 297 18.43 -6.93 22.25
C LEU A 297 19.40 -8.13 22.20
N TYR A 298 18.86 -9.37 22.18
CA TYR A 298 19.68 -10.56 22.07
C TYR A 298 20.32 -10.70 20.68
N TYR A 299 19.64 -10.27 19.60
CA TYR A 299 20.22 -10.28 18.24
C TYR A 299 20.16 -8.84 17.81
N PRO A 300 21.13 -8.01 18.29
CA PRO A 300 21.04 -6.56 18.06
C PRO A 300 21.24 -6.07 16.63
N SER A 301 21.75 -6.92 15.76
CA SER A 301 21.97 -6.60 14.35
C SER A 301 20.75 -6.99 13.46
N ALA A 302 19.89 -7.88 13.97
CA ALA A 302 18.72 -8.39 13.27
C ALA A 302 17.63 -7.38 13.00
N ARG A 303 17.17 -7.33 11.74
CA ARG A 303 16.04 -6.53 11.31
C ARG A 303 14.78 -7.35 11.71
N ILE A 304 13.94 -6.80 12.60
CA ILE A 304 12.76 -7.51 13.05
C ILE A 304 11.49 -6.79 12.65
N VAL A 305 10.56 -7.53 12.04
CA VAL A 305 9.25 -6.98 11.74
C VAL A 305 8.31 -7.53 12.82
N TYR A 306 7.65 -6.63 13.53
CA TYR A 306 6.70 -6.95 14.58
C TYR A 306 5.32 -6.79 13.98
N THR A 307 4.54 -7.88 13.97
CA THR A 307 3.20 -7.89 13.40
C THR A 307 2.21 -8.55 14.34
N ALA A 308 0.94 -8.15 14.18
CA ALA A 308 -0.24 -8.65 14.89
C ALA A 308 -1.49 -8.25 14.07
N CYS A 309 -2.66 -8.84 14.36
CA CYS A 309 -3.85 -8.51 13.59
C CYS A 309 -4.38 -7.12 13.92
N SER A 310 -4.42 -6.77 15.22
CA SER A 310 -4.98 -5.47 15.62
C SER A 310 -3.95 -4.35 15.81
N HIS A 311 -4.43 -3.12 15.63
CA HIS A 311 -3.63 -1.93 15.87
C HIS A 311 -3.26 -1.85 17.36
N ALA A 312 -4.15 -2.29 18.27
CA ALA A 312 -3.88 -2.32 19.70
C ALA A 312 -2.68 -3.21 20.03
N ALA A 313 -2.61 -4.44 19.47
CA ALA A 313 -1.48 -5.34 19.72
C ALA A 313 -0.18 -4.81 19.15
N VAL A 314 -0.21 -4.21 17.95
CA VAL A 314 0.99 -3.60 17.34
C VAL A 314 1.50 -2.43 18.23
N ASP A 315 0.58 -1.55 18.68
CA ASP A 315 0.83 -0.41 19.56
C ASP A 315 1.42 -0.82 20.94
N ALA A 316 0.95 -1.94 21.51
CA ALA A 316 1.49 -2.44 22.77
C ALA A 316 2.95 -2.95 22.54
N LEU A 317 3.25 -3.50 21.34
CA LEU A 317 4.63 -3.89 21.02
C LEU A 317 5.50 -2.61 20.84
N CYS A 318 4.92 -1.54 20.24
CA CYS A 318 5.56 -0.24 20.05
C CYS A 318 5.92 0.36 21.44
N GLU A 319 4.98 0.28 22.43
CA GLU A 319 5.21 0.80 23.76
C GLU A 319 6.40 0.14 24.46
N LYS A 320 6.49 -1.19 24.37
CA LYS A 320 7.59 -1.92 24.97
C LYS A 320 8.90 -1.60 24.22
N ALA A 321 8.86 -1.43 22.88
CA ALA A 321 10.08 -1.09 22.13
C ALA A 321 10.58 0.32 22.44
N LEU A 322 9.66 1.23 22.72
CA LEU A 322 10.02 2.61 23.04
C LEU A 322 10.93 2.66 24.30
N LYS A 323 10.70 1.75 25.25
CA LYS A 323 11.44 1.61 26.50
C LYS A 323 12.83 0.95 26.35
N TYR A 324 13.01 0.02 25.38
CA TYR A 324 14.27 -0.73 25.26
C TYR A 324 15.08 -0.53 23.99
N LEU A 325 14.43 -0.15 22.89
CA LEU A 325 15.04 -0.04 21.58
C LEU A 325 15.22 1.42 21.13
N PRO A 326 16.22 1.68 20.29
CA PRO A 326 16.44 3.06 19.80
C PRO A 326 15.34 3.55 18.86
N ILE A 327 14.66 4.63 19.25
CA ILE A 327 13.53 5.26 18.54
C ILE A 327 13.82 5.61 17.06
N ASP A 328 15.06 5.99 16.71
CA ASP A 328 15.42 6.29 15.33
C ASP A 328 15.46 5.05 14.42
N LYS A 329 15.52 3.83 15.00
CA LYS A 329 15.50 2.63 14.20
C LYS A 329 14.14 1.92 14.15
N CYS A 330 13.10 2.55 14.73
CA CYS A 330 11.71 2.07 14.77
C CYS A 330 10.80 2.87 13.84
N SER A 331 9.83 2.16 13.29
CA SER A 331 8.85 2.78 12.44
C SER A 331 7.50 2.09 12.58
N ARG A 332 6.44 2.88 12.75
CA ARG A 332 5.06 2.41 12.82
C ARG A 332 4.42 2.53 11.41
N ILE A 333 4.08 1.39 10.76
CA ILE A 333 3.47 1.42 9.43
C ILE A 333 1.99 1.63 9.57
N ILE A 334 1.50 2.76 9.05
CA ILE A 334 0.09 3.14 9.12
C ILE A 334 -0.48 3.18 7.72
N PRO A 335 -1.59 2.45 7.47
CA PRO A 335 -2.18 2.45 6.12
C PRO A 335 -2.80 3.77 5.73
N ALA A 336 -2.90 4.02 4.39
CA ALA A 336 -3.48 5.22 3.80
C ALA A 336 -4.91 5.40 4.32
N ARG A 337 -5.68 4.29 4.42
CA ARG A 337 -7.00 4.35 5.05
C ARG A 337 -6.70 4.17 6.55
N ALA A 338 -6.22 5.25 7.21
CA ALA A 338 -5.86 5.28 8.61
C ALA A 338 -7.16 5.22 9.37
N ARG A 339 -7.59 3.99 9.67
CA ARG A 339 -8.86 3.64 10.30
C ARG A 339 -9.02 4.25 11.72
N VAL A 340 -8.17 3.87 12.68
CA VAL A 340 -8.24 4.45 14.04
C VAL A 340 -6.88 5.06 14.46
N GLU A 341 -6.90 5.90 15.52
CA GLU A 341 -5.71 6.51 16.08
C GLU A 341 -4.79 5.43 16.66
N CYS A 342 -3.52 5.42 16.24
CA CYS A 342 -2.55 4.45 16.74
C CYS A 342 -1.21 5.14 17.24
N PHE A 343 -0.16 4.35 17.51
CA PHE A 343 1.12 4.80 18.05
C PHE A 343 1.76 5.91 17.23
N ASP A 344 1.97 7.09 17.85
CA ASP A 344 2.53 8.29 17.23
C ASP A 344 4.01 8.58 17.50
N LYS A 345 4.73 7.70 18.25
CA LYS A 345 6.10 8.04 18.66
C LYS A 345 7.23 7.51 17.73
N PHE A 346 6.93 6.71 16.70
CA PHE A 346 7.97 6.27 15.76
C PHE A 346 7.81 7.02 14.44
N LYS A 347 8.90 7.11 13.60
CA LYS A 347 8.81 7.76 12.29
C LYS A 347 7.82 6.95 11.44
N VAL A 348 6.73 7.61 10.98
CA VAL A 348 5.65 6.91 10.30
C VAL A 348 6.00 6.52 8.86
N ASN A 349 5.67 5.25 8.51
CA ASN A 349 5.77 4.64 7.19
C ASN A 349 7.18 4.53 6.59
N SER A 350 8.19 4.42 7.44
CA SER A 350 9.54 4.21 6.95
C SER A 350 9.75 2.68 6.97
N THR A 351 9.53 2.04 5.82
CA THR A 351 9.61 0.59 5.64
C THR A 351 11.01 0.01 5.85
N LEU A 352 12.03 0.82 5.64
CA LEU A 352 13.42 0.37 5.67
C LEU A 352 14.08 0.33 7.05
N GLU A 353 13.38 0.82 8.09
CA GLU A 353 13.90 0.81 9.45
C GLU A 353 14.17 -0.60 9.98
N GLN A 354 15.14 -0.74 10.90
CA GLN A 354 15.50 -2.03 11.48
C GLN A 354 14.29 -2.68 12.17
N TYR A 355 13.47 -1.85 12.84
CA TYR A 355 12.29 -2.31 13.55
C TYR A 355 11.05 -1.74 12.89
N VAL A 356 10.21 -2.63 12.38
CA VAL A 356 9.00 -2.23 11.70
C VAL A 356 7.81 -2.80 12.44
N PHE A 357 6.89 -1.93 12.85
CA PHE A 357 5.71 -2.35 13.61
C PHE A 357 4.51 -2.03 12.72
N CYS A 358 3.78 -3.08 12.33
CA CYS A 358 2.71 -2.93 11.37
C CYS A 358 1.71 -4.07 11.51
N THR A 359 0.41 -3.77 11.33
CA THR A 359 -0.63 -4.82 11.36
C THR A 359 -0.52 -5.76 10.13
N VAL A 360 -1.01 -7.00 10.25
CA VAL A 360 -0.98 -8.00 9.16
C VAL A 360 -1.53 -7.46 7.82
N ASN A 361 -2.75 -6.81 7.78
CA ASN A 361 -3.35 -6.32 6.53
C ASN A 361 -2.65 -5.11 5.91
N ALA A 362 -1.77 -4.42 6.67
CA ALA A 362 -1.01 -3.29 6.14
C ALA A 362 0.47 -3.66 5.82
N LEU A 363 0.86 -4.94 5.99
CA LEU A 363 2.22 -5.38 5.77
C LEU A 363 2.71 -5.15 4.36
N PRO A 364 3.85 -4.46 4.21
CA PRO A 364 4.43 -4.33 2.88
C PRO A 364 5.18 -5.61 2.48
N GLU A 365 5.52 -5.70 1.20
CA GLU A 365 6.26 -6.83 0.65
C GLU A 365 7.72 -6.56 0.99
N THR A 366 8.25 -7.30 1.99
CA THR A 366 9.63 -7.11 2.47
C THR A 366 10.21 -8.42 3.09
N THR A 367 11.48 -8.38 3.50
CA THR A 367 12.15 -9.48 4.16
C THR A 367 12.61 -9.04 5.55
N ALA A 368 12.99 -10.00 6.41
CA ALA A 368 13.45 -9.71 7.76
C ALA A 368 14.30 -10.86 8.28
N ASP A 369 15.15 -10.59 9.28
CA ASP A 369 15.92 -11.68 9.92
C ASP A 369 14.96 -12.45 10.87
N ILE A 370 14.04 -11.72 11.55
CA ILE A 370 13.01 -12.32 12.39
C ILE A 370 11.67 -11.61 12.15
N VAL A 371 10.61 -12.39 12.07
CA VAL A 371 9.26 -11.83 12.06
C VAL A 371 8.67 -12.29 13.42
N VAL A 372 8.10 -11.35 14.18
CA VAL A 372 7.44 -11.69 15.43
C VAL A 372 5.94 -11.47 15.18
N PHE A 373 5.14 -12.52 15.27
CA PHE A 373 3.70 -12.42 15.08
C PHE A 373 3.11 -12.64 16.48
N ASP A 374 2.64 -11.55 17.06
CA ASP A 374 2.08 -11.51 18.39
C ASP A 374 0.54 -11.69 18.37
N GLU A 375 -0.03 -12.03 19.55
CA GLU A 375 -1.43 -12.30 19.83
C GLU A 375 -1.98 -13.34 18.82
N ILE A 376 -1.28 -14.49 18.73
CA ILE A 376 -1.56 -15.55 17.78
C ILE A 376 -2.92 -16.23 17.97
N SER A 377 -3.59 -16.15 19.14
CA SER A 377 -4.93 -16.72 19.28
C SER A 377 -5.93 -15.93 18.39
N MET A 378 -5.71 -14.62 18.20
CA MET A 378 -6.58 -13.78 17.37
C MET A 378 -6.33 -13.93 15.86
N ALA A 379 -5.31 -14.68 15.46
CA ALA A 379 -5.01 -14.88 14.06
C ALA A 379 -5.91 -15.94 13.49
N THR A 380 -6.19 -15.82 12.20
CA THR A 380 -6.92 -16.83 11.42
C THR A 380 -5.90 -17.42 10.48
N ASN A 381 -6.20 -18.57 9.89
CA ASN A 381 -5.31 -19.17 8.90
C ASN A 381 -5.08 -18.26 7.70
N TYR A 382 -6.07 -17.39 7.38
CA TYR A 382 -5.97 -16.39 6.32
C TYR A 382 -4.79 -15.43 6.65
N ASP A 383 -4.78 -14.85 7.88
CA ASP A 383 -3.73 -13.97 8.41
C ASP A 383 -2.36 -14.66 8.40
N LEU A 384 -2.28 -15.92 8.87
CA LEU A 384 -1.05 -16.70 8.90
C LEU A 384 -0.40 -16.80 7.52
N SER A 385 -1.25 -17.06 6.50
CA SER A 385 -0.83 -17.22 5.12
C SER A 385 -0.36 -15.91 4.54
N VAL A 386 -1.10 -14.79 4.81
CA VAL A 386 -0.78 -13.43 4.36
C VAL A 386 0.59 -13.05 4.85
N VAL A 387 0.89 -13.30 6.15
CA VAL A 387 2.21 -13.02 6.72
C VAL A 387 3.30 -13.82 5.97
N ASN A 388 3.06 -15.11 5.67
CA ASN A 388 4.04 -15.89 4.94
C ASN A 388 4.24 -15.40 3.49
N ALA A 389 3.23 -14.73 2.91
CA ALA A 389 3.29 -14.19 1.56
C ALA A 389 3.95 -12.81 1.45
N ARG A 390 3.76 -11.92 2.45
CA ARG A 390 4.35 -10.57 2.39
C ARG A 390 5.73 -10.44 3.06
N LEU A 391 6.06 -11.38 3.96
CA LEU A 391 7.33 -11.38 4.70
C LEU A 391 8.16 -12.64 4.49
N ARG A 392 9.37 -12.48 3.89
CA ARG A 392 10.30 -13.61 3.72
C ARG A 392 11.38 -13.47 4.83
N ALA A 393 11.30 -14.33 5.88
CA ALA A 393 12.19 -14.24 7.04
C ALA A 393 13.07 -15.46 7.32
N LYS A 394 14.23 -15.20 7.95
CA LYS A 394 15.13 -16.27 8.39
C LYS A 394 14.42 -17.06 9.54
N HIS A 395 13.69 -16.33 10.42
CA HIS A 395 12.98 -16.92 11.56
C HIS A 395 11.64 -16.27 11.80
N TYR A 396 10.64 -17.08 12.22
CA TYR A 396 9.31 -16.58 12.50
C TYR A 396 8.98 -17.01 13.93
N VAL A 397 8.58 -16.06 14.76
CA VAL A 397 8.20 -16.36 16.13
C VAL A 397 6.75 -16.04 16.30
N TYR A 398 5.95 -17.03 16.78
CA TYR A 398 4.50 -16.88 17.00
C TYR A 398 4.26 -16.84 18.46
N ILE A 399 3.85 -15.68 18.93
CA ILE A 399 3.59 -15.47 20.35
C ILE A 399 2.08 -15.26 20.62
N GLY A 400 1.57 -15.97 21.62
CA GLY A 400 0.20 -15.82 22.02
C GLY A 400 -0.14 -16.82 23.09
N ASP A 401 -1.42 -17.14 23.17
CA ASP A 401 -1.93 -18.05 24.18
C ASP A 401 -3.24 -18.64 23.71
N PRO A 402 -3.24 -19.95 23.45
CA PRO A 402 -4.48 -20.61 23.03
C PRO A 402 -5.57 -20.60 24.11
N ALA A 403 -5.23 -20.30 25.35
CA ALA A 403 -6.20 -20.16 26.46
C ALA A 403 -6.85 -18.74 26.52
N GLN A 404 -6.49 -17.86 25.56
CA GLN A 404 -7.08 -16.57 25.42
C GLN A 404 -8.08 -16.58 24.21
N LEU A 405 -8.70 -15.45 23.94
CA LEU A 405 -9.72 -15.31 22.94
C LEU A 405 -9.26 -15.38 21.46
N PRO A 406 -10.05 -16.11 20.63
CA PRO A 406 -9.78 -16.14 19.19
C PRO A 406 -10.52 -14.99 18.48
N ALA A 407 -10.21 -14.82 17.16
CA ALA A 407 -10.88 -13.86 16.30
C ALA A 407 -12.34 -14.29 16.19
N PRO A 408 -13.27 -13.34 16.26
CA PRO A 408 -14.70 -13.70 16.15
C PRO A 408 -14.99 -14.24 14.75
N ARG A 409 -15.78 -15.30 14.71
CA ARG A 409 -16.16 -15.93 13.48
C ARG A 409 -17.62 -15.58 13.29
N THR A 410 -17.86 -14.47 12.56
CA THR A 410 -19.18 -13.93 12.31
C THR A 410 -20.20 -14.95 11.77
N LEU A 411 -19.78 -15.95 10.97
CA LEU A 411 -20.72 -16.92 10.42
C LEU A 411 -21.03 -18.07 11.38
N LEU A 412 -20.09 -18.37 12.30
CA LEU A 412 -20.25 -19.46 13.25
C LEU A 412 -21.35 -19.20 14.27
N THR A 413 -22.42 -20.00 14.18
CA THR A 413 -23.54 -19.89 15.10
C THR A 413 -23.84 -21.20 15.81
N LYS A 414 -23.33 -22.33 15.33
CA LYS A 414 -23.64 -23.64 15.93
C LYS A 414 -22.40 -24.41 16.40
N GLY A 415 -22.28 -24.58 17.69
CA GLY A 415 -21.14 -25.29 18.26
C GLY A 415 -20.09 -24.32 18.74
N THR A 416 -19.15 -24.84 19.50
CA THR A 416 -18.08 -23.99 20.04
C THR A 416 -16.76 -24.34 19.39
N LEU A 417 -15.98 -23.31 19.04
CA LEU A 417 -14.67 -23.48 18.44
C LEU A 417 -13.58 -23.67 19.52
N GLU A 418 -13.07 -24.90 19.69
CA GLU A 418 -12.01 -25.21 20.66
C GLU A 418 -10.65 -24.59 20.25
N PRO A 419 -9.79 -24.27 21.25
CA PRO A 419 -8.49 -23.59 20.93
C PRO A 419 -7.58 -24.28 19.92
N GLU A 420 -7.59 -25.60 19.89
CA GLU A 420 -6.82 -26.33 18.90
C GLU A 420 -7.27 -26.06 17.45
N TYR A 421 -8.43 -25.43 17.28
CA TYR A 421 -8.93 -25.13 15.95
C TYR A 421 -8.90 -23.64 15.62
N PHE A 422 -8.24 -22.80 16.45
CA PHE A 422 -8.20 -21.36 16.17
C PHE A 422 -7.44 -21.06 14.91
N ASN A 423 -6.27 -21.67 14.78
CA ASN A 423 -5.38 -21.54 13.61
C ASN A 423 -4.31 -22.63 13.70
N SER A 424 -3.47 -22.72 12.68
CA SER A 424 -2.42 -23.71 12.59
C SER A 424 -1.46 -23.68 13.78
N VAL A 425 -1.11 -22.47 14.26
CA VAL A 425 -0.19 -22.29 15.38
C VAL A 425 -0.84 -22.81 16.66
N CYS A 426 -2.10 -22.41 16.91
CA CYS A 426 -2.83 -22.86 18.09
C CYS A 426 -3.04 -24.34 18.08
N ARG A 427 -3.28 -24.92 16.91
CA ARG A 427 -3.39 -26.36 16.78
C ARG A 427 -2.10 -27.05 17.27
N LEU A 428 -0.93 -26.55 16.85
CA LEU A 428 0.34 -27.10 17.30
C LEU A 428 0.50 -26.94 18.81
N MET A 429 0.24 -25.73 19.34
CA MET A 429 0.36 -25.45 20.76
C MET A 429 -0.52 -26.36 21.62
N LYS A 430 -1.69 -26.75 21.11
CA LYS A 430 -2.59 -27.60 21.89
C LYS A 430 -2.35 -29.09 21.70
N THR A 431 -1.67 -29.48 20.62
CA THR A 431 -1.46 -30.91 20.31
C THR A 431 -0.03 -31.40 20.68
N ILE A 432 1.00 -30.81 20.07
CA ILE A 432 2.40 -31.16 20.37
C ILE A 432 2.99 -30.29 21.52
N GLY A 433 2.26 -29.23 21.92
CA GLY A 433 2.71 -28.30 22.93
C GLY A 433 3.48 -27.15 22.31
N PRO A 434 3.59 -26.02 23.02
CA PRO A 434 4.38 -24.91 22.48
C PRO A 434 5.89 -25.18 22.62
N ASP A 435 6.71 -24.53 21.79
CA ASP A 435 8.17 -24.68 21.90
C ASP A 435 8.68 -24.02 23.18
N MET A 436 8.08 -22.86 23.52
CA MET A 436 8.46 -22.10 24.69
C MET A 436 7.19 -21.74 25.50
N PHE A 437 7.29 -21.75 26.84
CA PHE A 437 6.17 -21.44 27.74
C PHE A 437 6.63 -20.48 28.83
N LEU A 438 5.91 -19.36 29.01
CA LEU A 438 6.25 -18.41 30.04
C LEU A 438 5.41 -18.77 31.27
N GLY A 439 6.05 -19.44 32.22
CA GLY A 439 5.36 -20.03 33.34
C GLY A 439 5.09 -19.18 34.57
N THR A 440 5.63 -17.95 34.62
CA THR A 440 5.40 -17.13 35.81
C THR A 440 4.60 -15.88 35.49
N CYS A 441 3.39 -15.81 36.04
CA CYS A 441 2.57 -14.63 35.90
C CYS A 441 3.02 -13.57 36.92
N ARG A 442 3.40 -12.41 36.45
CA ARG A 442 3.88 -11.33 37.29
C ARG A 442 2.86 -10.21 37.51
N ARG A 443 1.71 -10.27 36.82
CA ARG A 443 0.71 -9.23 36.89
C ARG A 443 -0.28 -9.42 38.01
N CYS A 444 -0.85 -10.61 38.08
CA CYS A 444 -2.03 -10.86 38.88
C CYS A 444 -1.76 -11.27 40.28
N PRO A 445 -2.70 -10.86 41.19
CA PRO A 445 -2.68 -11.40 42.58
C PRO A 445 -2.68 -12.94 42.50
N ALA A 446 -2.06 -13.63 43.46
CA ALA A 446 -2.03 -15.09 43.42
C ALA A 446 -3.39 -15.78 43.33
N GLU A 447 -4.49 -15.21 43.92
CA GLU A 447 -5.83 -15.81 43.85
C GLU A 447 -6.26 -16.06 42.41
N ILE A 448 -5.98 -15.09 41.53
CA ILE A 448 -6.29 -15.11 40.11
C ILE A 448 -5.39 -16.10 39.37
N VAL A 449 -4.09 -16.06 39.66
CA VAL A 449 -3.16 -16.99 39.04
C VAL A 449 -3.50 -18.45 39.40
N ASP A 450 -3.82 -18.69 40.67
CA ASP A 450 -4.16 -20.04 41.12
C ASP A 450 -5.41 -20.55 40.44
N THR A 451 -6.43 -19.67 40.27
CA THR A 451 -7.69 -20.02 39.59
C THR A 451 -7.47 -20.38 38.08
N VAL A 452 -6.84 -19.48 37.27
CA VAL A 452 -6.66 -19.72 35.84
C VAL A 452 -5.64 -20.82 35.53
N SER A 453 -4.60 -20.99 36.39
CA SER A 453 -3.60 -22.04 36.27
C SER A 453 -4.29 -23.40 36.27
N ALA A 454 -5.24 -23.61 37.19
CA ALA A 454 -6.03 -24.84 37.31
C ALA A 454 -7.13 -24.92 36.22
N LEU A 455 -7.64 -23.75 35.76
CA LEU A 455 -8.72 -23.70 34.81
C LEU A 455 -8.27 -24.05 33.41
N VAL A 456 -7.18 -23.42 32.91
CA VAL A 456 -6.78 -23.61 31.51
C VAL A 456 -5.32 -23.91 31.27
N TYR A 457 -4.48 -23.92 32.32
CA TYR A 457 -3.03 -24.09 32.13
C TYR A 457 -2.46 -25.35 32.72
N ASP A 458 -3.32 -26.35 33.03
CA ASP A 458 -2.93 -27.63 33.64
C ASP A 458 -1.98 -27.45 34.85
N ASN A 459 -2.27 -26.48 35.71
CA ASN A 459 -1.52 -26.15 36.92
C ASN A 459 -0.04 -25.81 36.68
N LYS A 460 0.30 -25.37 35.45
CA LYS A 460 1.68 -24.99 35.11
C LYS A 460 1.95 -23.49 35.24
N LEU A 461 0.91 -22.67 35.49
CA LEU A 461 1.12 -21.23 35.64
C LEU A 461 1.37 -20.91 37.14
N LYS A 462 2.49 -20.26 37.44
CA LYS A 462 2.91 -19.90 38.79
C LYS A 462 2.71 -18.39 39.09
N ALA A 463 2.41 -18.02 40.34
CA ALA A 463 2.21 -16.61 40.69
C ALA A 463 3.50 -15.99 41.17
N HIS A 464 3.83 -14.80 40.68
CA HIS A 464 4.97 -14.03 41.14
C HIS A 464 4.51 -13.21 42.38
N LYS A 465 3.35 -12.55 42.28
CA LYS A 465 2.77 -11.82 43.37
C LYS A 465 2.20 -12.78 44.41
N ASP A 466 2.08 -12.27 45.65
CA ASP A 466 1.41 -12.98 46.74
C ASP A 466 -0.11 -12.74 46.45
N LYS A 467 -0.99 -13.39 47.25
CA LYS A 467 -2.40 -13.12 47.22
C LYS A 467 -2.60 -11.60 47.62
N SER A 468 -3.45 -10.88 46.95
CA SER A 468 -3.68 -9.46 47.25
C SER A 468 -4.65 -9.27 48.42
N ALA A 469 -5.49 -10.31 48.73
CA ALA A 469 -6.63 -10.31 49.67
C ALA A 469 -7.71 -9.28 49.28
N GLN A 470 -7.72 -8.90 47.98
CA GLN A 470 -8.63 -7.97 47.30
C GLN A 470 -9.31 -8.65 46.09
N CYS A 471 -9.49 -9.99 46.13
CA CYS A 471 -10.12 -10.74 45.05
C CYS A 471 -11.35 -11.31 45.65
N PHE A 472 -12.52 -10.84 45.21
CA PHE A 472 -13.81 -11.22 45.76
C PHE A 472 -14.74 -11.82 44.72
N LYS A 473 -15.65 -12.67 45.18
CA LYS A 473 -16.64 -13.29 44.35
C LYS A 473 -18.00 -13.26 45.04
N MET A 474 -19.03 -13.04 44.24
CA MET A 474 -20.38 -13.05 44.72
C MET A 474 -21.22 -13.81 43.76
N PHE A 475 -21.96 -14.79 44.25
CA PHE A 475 -22.84 -15.55 43.41
C PHE A 475 -24.20 -14.82 43.46
N TYR A 476 -24.66 -14.27 42.34
CA TYR A 476 -25.89 -13.51 42.28
C TYR A 476 -26.45 -13.55 40.85
N LYS A 477 -27.44 -14.40 40.59
CA LYS A 477 -27.98 -14.54 39.23
C LYS A 477 -28.71 -13.29 38.73
N GLY A 478 -29.30 -12.50 39.63
CA GLY A 478 -30.03 -11.29 39.27
C GLY A 478 -31.19 -11.51 38.31
N VAL A 479 -31.32 -10.61 37.35
CA VAL A 479 -32.41 -10.61 36.38
C VAL A 479 -31.80 -10.26 35.04
N ILE A 480 -32.01 -11.13 34.03
CA ILE A 480 -31.42 -10.92 32.72
C ILE A 480 -32.44 -10.35 31.78
N THR A 481 -32.15 -9.18 31.25
CA THR A 481 -32.98 -8.58 30.22
C THR A 481 -32.12 -8.58 28.94
N HIS A 482 -32.66 -8.21 27.78
CA HIS A 482 -31.88 -8.18 26.54
C HIS A 482 -32.20 -6.93 25.68
N ASP A 483 -31.22 -6.49 24.89
CA ASP A 483 -31.34 -5.41 23.91
C ASP A 483 -30.98 -6.15 22.65
N VAL A 484 -32.00 -6.74 22.03
CA VAL A 484 -31.91 -7.64 20.90
C VAL A 484 -31.27 -8.93 21.50
N SER A 485 -29.98 -9.21 21.28
CA SER A 485 -29.34 -10.38 21.87
C SER A 485 -28.29 -10.04 22.96
N SER A 486 -27.81 -8.77 22.99
CA SER A 486 -26.89 -8.39 24.03
C SER A 486 -27.66 -8.31 25.34
N ALA A 487 -27.11 -8.95 26.34
CA ALA A 487 -27.75 -9.09 27.63
C ALA A 487 -27.36 -8.00 28.64
N ILE A 488 -28.27 -7.74 29.55
CA ILE A 488 -28.13 -6.77 30.61
C ILE A 488 -28.59 -7.49 31.89
N ASN A 489 -27.95 -7.18 33.02
CA ASN A 489 -28.30 -7.70 34.34
C ASN A 489 -28.22 -6.49 35.30
N ARG A 490 -29.31 -5.69 35.36
CA ARG A 490 -29.36 -4.50 36.24
C ARG A 490 -29.13 -4.84 37.71
N PRO A 491 -29.73 -5.92 38.27
CA PRO A 491 -29.43 -6.28 39.66
C PRO A 491 -27.92 -6.53 39.95
N GLN A 492 -27.16 -7.12 38.99
CA GLN A 492 -25.72 -7.33 39.15
C GLN A 492 -24.99 -5.97 39.20
N ILE A 493 -25.44 -4.99 38.40
CA ILE A 493 -24.89 -3.64 38.46
C ILE A 493 -25.27 -2.94 39.79
N GLY A 494 -26.44 -3.25 40.32
CA GLY A 494 -26.94 -2.71 41.58
C GLY A 494 -26.05 -3.18 42.71
N VAL A 495 -25.75 -4.48 42.73
CA VAL A 495 -24.84 -5.11 43.69
C VAL A 495 -23.44 -4.42 43.66
N VAL A 496 -22.94 -4.05 42.46
CA VAL A 496 -21.67 -3.35 42.27
C VAL A 496 -21.73 -1.94 42.85
N ARG A 497 -22.85 -1.25 42.65
CA ARG A 497 -23.12 0.08 43.18
C ARG A 497 -23.08 0.05 44.73
N GLU A 498 -23.71 -0.97 45.34
CA GLU A 498 -23.70 -1.14 46.79
C GLU A 498 -22.30 -1.45 47.30
N PHE A 499 -21.57 -2.27 46.57
CA PHE A 499 -20.19 -2.61 46.90
C PHE A 499 -19.29 -1.36 46.85
N LEU A 500 -19.45 -0.48 45.82
CA LEU A 500 -18.64 0.71 45.65
C LEU A 500 -18.78 1.71 46.81
N THR A 501 -20.01 1.82 47.39
CA THR A 501 -20.23 2.71 48.53
C THR A 501 -19.41 2.23 49.75
N ARG A 502 -19.35 0.91 49.96
CA ARG A 502 -18.63 0.28 51.06
C ARG A 502 -17.12 0.07 50.77
N ASN A 503 -16.65 0.37 49.54
CA ASN A 503 -15.28 0.14 49.06
C ASN A 503 -14.81 1.26 48.12
N PRO A 504 -14.60 2.47 48.70
CA PRO A 504 -14.18 3.63 47.88
C PRO A 504 -12.92 3.46 47.04
N ALA A 505 -11.98 2.62 47.47
CA ALA A 505 -10.75 2.39 46.68
C ALA A 505 -11.08 1.82 45.27
N TRP A 506 -12.24 1.14 45.15
CA TRP A 506 -12.69 0.54 43.90
C TRP A 506 -13.30 1.51 42.93
N ARG A 507 -13.35 2.83 43.28
CA ARG A 507 -13.83 3.95 42.46
C ARG A 507 -13.08 4.04 41.14
N LYS A 508 -11.78 3.64 41.16
CA LYS A 508 -10.84 3.65 40.02
C LYS A 508 -10.90 2.32 39.18
N ALA A 509 -11.83 1.40 39.49
CA ALA A 509 -11.92 0.11 38.79
C ALA A 509 -12.46 0.23 37.37
N VAL A 510 -12.07 -0.74 36.53
CA VAL A 510 -12.57 -0.89 35.18
C VAL A 510 -13.67 -1.90 35.27
N PHE A 511 -14.84 -1.59 34.68
CA PHE A 511 -16.01 -2.47 34.68
C PHE A 511 -15.89 -3.35 33.44
N ILE A 512 -15.94 -4.67 33.63
CA ILE A 512 -15.85 -5.62 32.55
C ILE A 512 -17.03 -6.60 32.57
N SER A 513 -17.55 -6.95 31.39
CA SER A 513 -18.63 -7.92 31.25
C SER A 513 -18.56 -8.54 29.86
N PRO A 514 -19.22 -9.69 29.63
CA PRO A 514 -19.19 -10.28 28.28
C PRO A 514 -20.11 -9.56 27.27
N TYR A 515 -20.89 -8.54 27.70
CA TYR A 515 -21.88 -7.90 26.83
C TYR A 515 -21.78 -6.39 26.78
N ASN A 516 -21.76 -5.82 25.57
CA ASN A 516 -21.77 -4.37 25.36
C ASN A 516 -22.97 -3.67 26.06
N SER A 517 -24.17 -4.28 26.00
CA SER A 517 -25.34 -3.66 26.58
C SER A 517 -25.23 -3.54 28.07
N GLN A 518 -24.68 -4.56 28.74
CA GLN A 518 -24.42 -4.57 30.17
C GLN A 518 -23.44 -3.40 30.51
N ASN A 519 -22.40 -3.27 29.69
CA ASN A 519 -21.39 -2.22 29.80
C ASN A 519 -21.98 -0.82 29.63
N ALA A 520 -22.91 -0.63 28.68
CA ALA A 520 -23.57 0.67 28.43
C ALA A 520 -24.40 1.10 29.66
N VAL A 521 -25.09 0.14 30.29
CA VAL A 521 -25.89 0.39 31.49
C VAL A 521 -24.94 0.71 32.68
N ALA A 522 -23.87 -0.10 32.85
CA ALA A 522 -22.93 0.12 33.94
C ALA A 522 -22.20 1.46 33.80
N SER A 523 -21.96 1.93 32.58
CA SER A 523 -21.28 3.19 32.36
C SER A 523 -22.11 4.34 32.94
N LYS A 524 -23.44 4.31 32.70
CA LYS A 524 -24.38 5.31 33.17
C LYS A 524 -24.60 5.23 34.70
N ILE A 525 -24.92 4.04 35.22
CA ILE A 525 -25.19 3.85 36.65
C ILE A 525 -23.93 3.98 37.54
N LEU A 526 -22.82 3.36 37.13
CA LEU A 526 -21.61 3.36 37.96
C LEU A 526 -20.61 4.47 37.64
N GLY A 527 -20.58 4.92 36.39
CA GLY A 527 -19.60 5.92 35.97
C GLY A 527 -18.19 5.40 35.76
N LEU A 528 -18.00 4.07 35.92
CA LEU A 528 -16.70 3.42 35.74
C LEU A 528 -16.38 3.30 34.26
N PRO A 529 -15.08 3.33 33.89
CA PRO A 529 -14.71 2.97 32.50
C PRO A 529 -15.16 1.53 32.23
N THR A 530 -15.45 1.23 30.98
CA THR A 530 -16.04 -0.03 30.61
C THR A 530 -15.21 -0.73 29.49
N GLN A 531 -15.18 -2.07 29.50
CA GLN A 531 -14.54 -2.94 28.51
C GLN A 531 -15.33 -4.23 28.44
N THR A 532 -15.50 -4.79 27.23
CA THR A 532 -16.02 -6.14 27.10
C THR A 532 -14.81 -7.01 27.40
N VAL A 533 -15.01 -8.29 27.74
CA VAL A 533 -13.89 -9.21 27.97
C VAL A 533 -12.96 -9.26 26.74
N ASP A 534 -13.56 -9.32 25.54
CA ASP A 534 -12.89 -9.37 24.26
C ASP A 534 -12.04 -8.10 23.97
N SER A 535 -12.53 -6.89 24.27
CA SER A 535 -11.71 -5.68 24.06
C SER A 535 -10.66 -5.43 25.20
N SER A 536 -10.83 -6.09 26.36
CA SER A 536 -9.90 -5.98 27.47
C SER A 536 -8.63 -6.82 27.23
N GLN A 537 -8.67 -7.82 26.33
CA GLN A 537 -7.55 -8.71 26.03
C GLN A 537 -6.31 -7.91 25.66
N GLY A 538 -5.21 -8.19 26.37
CA GLY A 538 -3.96 -7.46 26.18
C GLY A 538 -3.77 -6.26 27.09
N SER A 539 -4.85 -5.83 27.80
CA SER A 539 -4.82 -4.69 28.71
C SER A 539 -4.81 -5.12 30.19
N GLU A 540 -4.34 -4.23 31.07
CA GLU A 540 -4.31 -4.52 32.50
C GLU A 540 -4.69 -3.31 33.31
N TYR A 541 -5.34 -3.55 34.43
CA TYR A 541 -5.84 -2.50 35.30
C TYR A 541 -5.64 -2.92 36.75
N ASP A 542 -5.50 -1.95 37.67
CA ASP A 542 -5.35 -2.27 39.09
C ASP A 542 -6.55 -3.02 39.63
N TYR A 543 -7.74 -2.49 39.33
CA TYR A 543 -8.98 -3.06 39.85
C TYR A 543 -9.95 -3.36 38.75
N VAL A 544 -10.61 -4.51 38.85
CA VAL A 544 -11.53 -4.98 37.83
C VAL A 544 -12.81 -5.36 38.50
N ILE A 545 -13.92 -4.91 37.92
CA ILE A 545 -15.23 -5.34 38.37
C ILE A 545 -15.86 -6.07 37.22
N PHE A 546 -16.08 -7.36 37.41
CA PHE A 546 -16.66 -8.20 36.40
C PHE A 546 -18.05 -8.65 36.77
N THR A 547 -19.04 -8.45 35.91
CA THR A 547 -20.38 -9.04 36.13
C THR A 547 -20.56 -10.08 35.00
N GLN A 548 -20.82 -11.35 35.36
CA GLN A 548 -20.98 -12.39 34.37
C GLN A 548 -22.18 -12.17 33.43
N THR A 549 -23.22 -11.44 33.93
CA THR A 549 -24.48 -11.03 33.27
C THR A 549 -25.48 -12.21 33.05
N THR A 550 -25.05 -13.27 32.37
CA THR A 550 -25.88 -14.45 32.06
C THR A 550 -25.05 -15.74 32.33
N GLU A 551 -25.67 -16.93 32.21
CA GLU A 551 -24.94 -18.19 32.25
C GLU A 551 -25.05 -18.86 30.86
N THR A 552 -24.74 -18.11 29.79
CA THR A 552 -24.74 -18.65 28.44
C THR A 552 -23.38 -19.30 28.10
N ALA A 553 -23.26 -19.99 26.94
CA ALA A 553 -21.98 -20.52 26.47
C ALA A 553 -20.97 -19.36 26.26
N HIS A 554 -21.45 -18.20 25.81
CA HIS A 554 -20.62 -17.01 25.65
C HIS A 554 -20.03 -16.52 27.00
N SER A 555 -20.86 -16.38 28.04
CA SER A 555 -20.40 -15.86 29.32
C SER A 555 -19.67 -16.90 30.17
N CYS A 556 -19.86 -18.20 29.90
CA CYS A 556 -19.21 -19.30 30.61
C CYS A 556 -17.97 -19.82 29.92
N ASN A 557 -17.63 -19.29 28.71
CA ASN A 557 -16.49 -19.74 27.96
C ASN A 557 -15.17 -19.57 28.82
N VAL A 558 -14.48 -20.71 29.12
CA VAL A 558 -13.29 -20.70 29.95
C VAL A 558 -12.21 -19.74 29.41
N ASN A 559 -12.02 -19.59 28.08
CA ASN A 559 -11.01 -18.64 27.54
C ASN A 559 -11.39 -17.22 27.84
N ARG A 560 -12.67 -16.87 27.68
CA ARG A 560 -13.17 -15.53 27.95
C ARG A 560 -13.07 -15.27 29.47
N PHE A 561 -13.44 -16.27 30.31
CA PHE A 561 -13.35 -16.19 31.75
C PHE A 561 -11.92 -15.93 32.24
N ASN A 562 -10.96 -16.63 31.63
CA ASN A 562 -9.52 -16.54 31.84
C ASN A 562 -9.06 -15.13 31.51
N VAL A 563 -9.44 -14.59 30.32
CA VAL A 563 -9.05 -13.21 29.96
C VAL A 563 -9.65 -12.22 30.95
N ALA A 564 -10.94 -12.40 31.27
CA ALA A 564 -11.63 -11.48 32.15
C ALA A 564 -10.94 -11.28 33.50
N ILE A 565 -10.65 -12.38 34.22
CA ILE A 565 -10.12 -12.24 35.56
C ILE A 565 -8.62 -11.94 35.58
N THR A 566 -7.89 -12.23 34.48
CA THR A 566 -6.47 -11.93 34.42
C THR A 566 -6.15 -10.49 34.00
N ARG A 567 -7.16 -9.58 33.95
CA ARG A 567 -6.85 -8.16 33.61
C ARG A 567 -6.37 -7.37 34.87
N ALA A 568 -6.70 -7.88 36.07
CA ALA A 568 -6.42 -7.25 37.35
C ALA A 568 -4.99 -7.46 37.89
N LYS A 569 -4.36 -6.36 38.30
CA LYS A 569 -3.03 -6.32 38.92
C LYS A 569 -3.15 -6.40 40.43
N VAL A 570 -4.24 -5.87 41.01
CA VAL A 570 -4.42 -5.80 42.46
C VAL A 570 -5.69 -6.47 42.97
N GLY A 571 -6.84 -6.04 42.46
CA GLY A 571 -8.11 -6.56 42.93
C GLY A 571 -9.12 -6.82 41.83
N ILE A 572 -10.04 -7.75 42.14
CA ILE A 572 -11.12 -8.13 41.26
C ILE A 572 -12.36 -8.47 42.07
N LEU A 573 -13.51 -7.95 41.62
CA LEU A 573 -14.77 -8.31 42.20
C LEU A 573 -15.48 -9.03 41.06
N CYS A 574 -15.93 -10.28 41.29
CA CYS A 574 -16.63 -11.06 40.28
C CYS A 574 -18.02 -11.31 40.73
N ILE A 575 -19.02 -10.80 40.01
CA ILE A 575 -20.44 -11.08 40.31
C ILE A 575 -20.79 -12.17 39.31
N MET A 576 -21.02 -13.38 39.81
CA MET A 576 -21.20 -14.57 39.01
C MET A 576 -22.62 -15.04 38.87
N SER A 577 -22.90 -15.72 37.76
CA SER A 577 -24.19 -16.33 37.41
C SER A 577 -24.05 -17.87 37.39
N ASP A 578 -22.87 -18.38 36.99
CA ASP A 578 -22.59 -19.79 36.86
C ASP A 578 -21.94 -20.35 38.13
N ARG A 579 -22.59 -21.36 38.72
CA ARG A 579 -22.13 -21.99 39.95
C ARG A 579 -20.74 -22.61 39.77
N ASP A 580 -20.52 -23.29 38.65
CA ASP A 580 -19.26 -23.94 38.30
C ASP A 580 -18.08 -22.94 38.35
N LEU A 581 -18.12 -21.88 37.51
CA LEU A 581 -17.06 -20.91 37.48
C LEU A 581 -16.93 -20.12 38.79
N TYR A 582 -18.06 -19.91 39.51
CA TYR A 582 -18.05 -19.25 40.82
C TYR A 582 -17.25 -20.15 41.83
N ASP A 583 -17.52 -21.46 41.82
CA ASP A 583 -16.85 -22.39 42.72
C ASP A 583 -15.35 -22.57 42.40
N LYS A 584 -14.97 -22.39 41.15
CA LYS A 584 -13.58 -22.46 40.75
C LYS A 584 -12.84 -21.22 41.26
N LEU A 585 -13.51 -20.04 41.28
CA LEU A 585 -12.85 -18.84 41.74
C LEU A 585 -12.27 -18.99 43.19
N GLN A 586 -10.94 -18.92 43.30
CA GLN A 586 -10.24 -19.04 44.60
C GLN A 586 -10.10 -17.65 45.20
N PHE A 587 -11.27 -17.02 45.40
CA PHE A 587 -11.49 -15.67 45.92
C PHE A 587 -12.30 -15.79 47.20
N THR A 588 -12.32 -14.72 47.97
CA THR A 588 -13.09 -14.59 49.19
C THR A 588 -14.55 -14.32 48.77
N SER A 589 -15.51 -15.09 49.31
CA SER A 589 -16.91 -14.84 48.98
C SER A 589 -17.49 -13.70 49.79
N LEU A 590 -18.36 -12.93 49.16
CA LEU A 590 -19.06 -11.83 49.79
C LEU A 590 -20.56 -12.17 49.93
N GLU A 591 -21.26 -11.53 50.88
CA GLU A 591 -22.70 -11.71 51.08
C GLU A 591 -23.46 -10.41 50.66
N ILE A 592 -24.80 -10.52 50.38
CA ILE A 592 -25.84 -9.50 50.00
C ILE A 592 -26.46 -9.88 48.65
N VAL B 2 25.43 -4.67 6.99
CA VAL B 2 26.24 -5.23 5.90
C VAL B 2 25.46 -5.25 4.58
N GLY B 3 26.21 -4.93 3.52
CA GLY B 3 25.72 -4.85 2.14
C GLY B 3 26.79 -4.75 1.08
N ALA B 4 26.41 -4.22 -0.09
CA ALA B 4 27.30 -4.11 -1.25
C ALA B 4 27.62 -2.66 -1.66
N CYS B 5 28.90 -2.44 -1.96
CA CYS B 5 29.45 -1.15 -2.37
C CYS B 5 28.79 -0.64 -3.65
N VAL B 6 28.27 0.60 -3.62
CA VAL B 6 27.65 1.19 -4.81
C VAL B 6 28.64 1.48 -5.93
N LEU B 7 29.96 1.33 -5.71
CA LEU B 7 30.95 1.63 -6.78
C LEU B 7 31.74 0.44 -7.28
N CYS B 8 31.86 -0.59 -6.42
CA CYS B 8 32.67 -1.80 -6.57
C CYS B 8 31.87 -3.06 -6.58
N ASN B 9 30.86 -3.08 -5.74
CA ASN B 9 30.03 -4.19 -5.29
C ASN B 9 30.71 -5.01 -4.17
N SER B 10 31.93 -4.60 -3.70
CA SER B 10 32.65 -5.29 -2.64
C SER B 10 31.81 -5.30 -1.37
N GLN B 11 31.72 -6.43 -0.69
CA GLN B 11 30.96 -6.58 0.56
C GLN B 11 31.44 -5.57 1.61
N THR B 12 30.52 -4.95 2.39
CA THR B 12 30.95 -4.00 3.42
C THR B 12 30.04 -3.84 4.61
N SER B 13 30.67 -3.52 5.75
CA SER B 13 30.07 -3.15 7.01
C SER B 13 29.82 -1.61 7.08
N LEU B 14 30.34 -0.82 6.11
CA LEU B 14 30.31 0.64 6.04
C LEU B 14 29.26 1.21 5.13
N ARG B 15 28.65 2.30 5.59
CA ARG B 15 27.73 3.13 4.86
C ARG B 15 28.14 4.55 5.16
N CYS B 16 28.06 5.41 4.15
CA CYS B 16 28.31 6.81 4.41
C CYS B 16 27.14 7.43 5.13
N GLY B 17 27.35 7.89 6.35
CA GLY B 17 26.34 8.53 7.17
C GLY B 17 26.01 9.96 6.76
N ALA B 18 26.89 10.60 5.96
CA ALA B 18 26.65 11.95 5.48
C ALA B 18 25.87 12.00 4.15
N CYS B 19 25.80 10.85 3.42
CA CYS B 19 25.00 10.72 2.21
C CYS B 19 23.58 10.53 2.67
N ILE B 20 22.63 11.26 2.05
CA ILE B 20 21.23 11.16 2.49
C ILE B 20 20.63 9.77 2.20
N ARG B 21 21.24 8.98 1.30
CA ARG B 21 20.80 7.61 1.03
C ARG B 21 21.61 6.53 1.79
N ARG B 22 22.64 6.94 2.58
CA ARG B 22 23.52 6.07 3.32
C ARG B 22 24.03 4.88 2.48
N PRO B 23 24.65 5.15 1.32
CA PRO B 23 25.09 4.05 0.46
C PRO B 23 26.21 3.23 1.08
N PHE B 24 26.17 1.91 0.85
CA PHE B 24 27.25 1.03 1.28
C PHE B 24 28.48 1.38 0.42
N LEU B 25 29.62 1.58 1.09
CA LEU B 25 30.89 1.88 0.47
C LEU B 25 31.91 0.91 1.11
N CYS B 26 32.74 0.28 0.28
CA CYS B 26 33.74 -0.66 0.77
C CYS B 26 34.85 0.07 1.49
N CYS B 27 35.71 -0.66 2.23
CA CYS B 27 36.83 -0.06 2.95
C CYS B 27 37.64 0.96 2.10
N LYS B 28 37.90 0.69 0.79
CA LYS B 28 38.67 1.62 -0.08
C LYS B 28 37.85 2.79 -0.65
N CYS B 29 36.65 2.51 -1.17
CA CYS B 29 35.78 3.56 -1.74
C CYS B 29 35.27 4.50 -0.65
N CYS B 30 35.11 3.98 0.57
CA CYS B 30 34.66 4.79 1.68
C CYS B 30 35.75 5.82 2.02
N TYR B 31 37.01 5.40 1.99
CA TYR B 31 38.14 6.27 2.23
C TYR B 31 38.20 7.38 1.18
N ASP B 32 38.26 7.02 -0.12
CA ASP B 32 38.36 8.04 -1.18
C ASP B 32 37.20 9.03 -1.14
N HIS B 33 36.00 8.62 -0.70
CA HIS B 33 34.85 9.50 -0.56
C HIS B 33 35.05 10.46 0.63
N VAL B 34 35.31 9.91 1.86
CA VAL B 34 35.49 10.74 3.06
C VAL B 34 36.67 11.69 2.95
N ILE B 35 37.80 11.27 2.36
CA ILE B 35 38.98 12.12 2.29
C ILE B 35 38.94 13.18 1.16
N SER B 36 37.91 13.19 0.31
CA SER B 36 37.84 14.17 -0.79
C SER B 36 36.53 14.97 -0.83
N THR B 37 35.65 14.78 0.16
CA THR B 37 34.41 15.54 0.28
C THR B 37 34.29 15.99 1.76
N SER B 38 33.25 16.80 2.07
CA SER B 38 32.86 17.21 3.43
C SER B 38 32.28 16.03 4.24
N HIS B 39 31.93 14.91 3.58
CA HIS B 39 31.30 13.76 4.20
C HIS B 39 32.29 12.98 5.04
N LYS B 40 32.16 13.02 6.38
CA LYS B 40 33.09 12.30 7.25
C LYS B 40 32.42 11.33 8.22
N LEU B 41 31.08 11.29 8.27
CA LEU B 41 30.41 10.37 9.18
C LEU B 41 30.30 8.98 8.53
N VAL B 42 30.85 7.94 9.17
CA VAL B 42 30.80 6.57 8.66
C VAL B 42 29.91 5.72 9.55
N LEU B 43 29.00 4.93 8.98
CA LEU B 43 28.10 4.10 9.77
C LEU B 43 28.45 2.63 9.60
N SER B 44 28.21 1.86 10.65
CA SER B 44 28.40 0.42 10.64
C SER B 44 27.33 -0.19 11.58
N VAL B 45 27.63 -1.31 12.33
CA VAL B 45 26.75 -1.87 13.37
C VAL B 45 26.50 -0.73 14.40
N ASN B 46 27.58 -0.06 14.77
CA ASN B 46 27.62 1.13 15.57
C ASN B 46 28.18 2.22 14.63
N PRO B 47 27.65 3.46 14.69
CA PRO B 47 28.25 4.53 13.90
C PRO B 47 29.65 4.85 14.43
N TYR B 48 30.54 5.23 13.54
CA TYR B 48 31.89 5.60 13.91
C TYR B 48 31.81 6.98 14.53
N VAL B 49 31.68 6.96 15.85
CA VAL B 49 31.57 8.12 16.73
C VAL B 49 32.36 7.77 18.01
N CYS B 50 32.92 8.79 18.69
CA CYS B 50 33.65 8.53 19.93
C CYS B 50 32.69 8.06 21.03
N ASN B 51 32.93 6.85 21.55
CA ASN B 51 32.11 6.25 22.59
C ASN B 51 32.47 6.73 24.01
N ALA B 52 33.34 7.77 24.14
CA ALA B 52 33.67 8.42 25.41
C ALA B 52 32.49 9.32 25.78
N PRO B 53 32.11 9.33 27.08
CA PRO B 53 30.93 10.14 27.47
C PRO B 53 31.04 11.64 27.19
N GLY B 54 30.05 12.18 26.49
CA GLY B 54 30.01 13.60 26.18
C GLY B 54 30.97 14.09 25.11
N CYS B 55 31.63 13.17 24.37
CA CYS B 55 32.48 13.59 23.25
C CYS B 55 31.71 13.55 21.94
N ASP B 56 31.79 14.64 21.17
CA ASP B 56 31.08 14.82 19.91
C ASP B 56 31.92 14.54 18.64
N VAL B 57 33.00 13.74 18.77
CA VAL B 57 33.82 13.42 17.60
C VAL B 57 33.13 12.34 16.73
N THR B 58 32.76 12.72 15.47
CA THR B 58 32.10 11.90 14.45
C THR B 58 32.92 11.77 13.15
N ASP B 59 33.96 12.59 12.96
CA ASP B 59 34.82 12.56 11.76
C ASP B 59 35.66 11.29 11.84
N VAL B 60 35.50 10.38 10.86
CA VAL B 60 36.21 9.10 10.79
C VAL B 60 37.75 9.26 10.72
N THR B 61 38.23 10.37 10.11
CA THR B 61 39.66 10.67 9.97
C THR B 61 40.32 11.05 11.31
N GLN B 62 39.49 11.41 12.32
CA GLN B 62 39.87 11.77 13.69
C GLN B 62 39.44 10.67 14.70
N LEU B 63 39.11 9.45 14.24
CA LEU B 63 38.68 8.37 15.12
C LEU B 63 39.57 7.12 15.01
N TYR B 64 39.52 6.25 16.06
CA TYR B 64 40.36 5.05 16.26
C TYR B 64 39.56 3.89 16.86
N LEU B 65 39.95 2.62 16.61
CA LEU B 65 39.32 1.48 17.30
C LEU B 65 40.16 1.05 18.53
N GLY B 66 39.53 1.06 19.71
CA GLY B 66 40.11 0.68 21.00
C GLY B 66 39.38 -0.51 21.58
N GLY B 67 39.78 -1.70 21.15
CA GLY B 67 39.15 -2.95 21.57
C GLY B 67 37.95 -3.24 20.68
N MET B 68 36.75 -2.99 21.21
CA MET B 68 35.49 -3.16 20.47
C MET B 68 34.74 -1.83 20.21
N SER B 69 35.17 -0.75 20.92
CA SER B 69 34.61 0.61 20.89
C SER B 69 35.55 1.63 20.20
N TYR B 70 34.97 2.70 19.61
CA TYR B 70 35.67 3.74 18.83
C TYR B 70 35.89 5.00 19.66
N TYR B 71 37.03 5.69 19.48
CA TYR B 71 37.41 6.90 20.23
C TYR B 71 38.21 7.90 19.39
N CYS B 72 38.19 9.18 19.76
CA CYS B 72 38.99 10.21 19.09
C CYS B 72 40.49 10.17 19.60
N LYS B 73 41.32 11.11 19.12
CA LYS B 73 42.73 11.24 19.50
C LYS B 73 42.88 11.55 21.02
N SER B 74 41.86 12.22 21.62
CA SER B 74 41.82 12.61 23.04
C SER B 74 41.28 11.53 23.99
N HIS B 75 40.59 10.52 23.48
CA HIS B 75 40.00 9.50 24.34
C HIS B 75 40.46 8.09 24.10
N LYS B 76 41.22 7.85 23.03
CA LYS B 76 41.67 6.51 22.70
C LYS B 76 42.57 5.91 23.75
N PRO B 77 42.49 4.57 23.95
CA PRO B 77 43.43 3.93 24.88
C PRO B 77 44.80 3.75 24.19
N PRO B 78 45.87 3.42 24.95
CA PRO B 78 47.19 3.25 24.30
C PRO B 78 47.20 2.21 23.17
N ILE B 79 46.38 1.15 23.31
CA ILE B 79 46.27 0.11 22.31
C ILE B 79 45.08 0.37 21.36
N SER B 80 45.33 1.15 20.27
CA SER B 80 44.30 1.53 19.30
C SER B 80 44.84 1.80 17.90
N PHE B 81 44.04 1.52 16.86
CA PHE B 81 44.46 1.79 15.48
C PHE B 81 43.49 2.75 14.76
N PRO B 82 44.02 3.73 13.99
CA PRO B 82 43.14 4.69 13.31
C PRO B 82 42.17 4.05 12.30
N LEU B 83 40.91 4.49 12.29
CA LEU B 83 39.94 3.97 11.31
C LEU B 83 40.36 4.31 9.85
N CYS B 84 41.04 5.45 9.66
CA CYS B 84 41.58 5.96 8.38
C CYS B 84 43.05 5.75 8.25
N ALA B 85 43.47 4.88 7.32
CA ALA B 85 44.89 4.59 7.07
C ALA B 85 45.06 3.78 5.81
N ASN B 86 46.20 3.91 5.12
CA ASN B 86 46.54 3.15 3.91
C ASN B 86 45.42 3.15 2.85
N GLY B 87 44.75 4.28 2.67
CA GLY B 87 43.66 4.38 1.70
C GLY B 87 42.40 3.58 2.01
N GLN B 88 42.21 3.28 3.30
CA GLN B 88 41.09 2.46 3.73
C GLN B 88 40.40 2.99 5.00
N VAL B 89 39.12 2.69 5.14
CA VAL B 89 38.35 2.96 6.35
C VAL B 89 38.12 1.56 6.97
N PHE B 90 38.42 1.40 8.27
CA PHE B 90 38.29 0.09 8.90
C PHE B 90 36.86 -0.43 8.89
N GLY B 91 36.69 -1.64 8.39
CA GLY B 91 35.40 -2.30 8.34
C GLY B 91 35.51 -3.77 7.96
N LEU B 92 34.42 -4.53 8.06
CA LEU B 92 34.41 -5.94 7.66
C LEU B 92 34.71 -6.10 6.18
N TYR B 93 35.28 -7.26 5.79
CA TYR B 93 35.61 -7.65 4.41
C TYR B 93 36.71 -6.80 3.80
N LYS B 94 37.64 -6.30 4.66
CA LYS B 94 38.79 -5.46 4.32
C LYS B 94 39.73 -6.10 3.28
N ASN B 95 39.80 -7.42 3.29
CA ASN B 95 40.61 -8.15 2.31
C ASN B 95 39.95 -8.13 0.94
N THR B 96 38.63 -8.43 0.86
CA THR B 96 37.84 -8.44 -0.39
C THR B 96 37.33 -7.03 -0.75
N CYS B 97 38.29 -6.13 -0.98
CA CYS B 97 38.07 -4.72 -1.24
C CYS B 97 38.79 -4.37 -2.56
N VAL B 98 38.04 -3.95 -3.59
CA VAL B 98 38.58 -3.66 -4.93
C VAL B 98 38.98 -2.18 -5.20
N GLY B 99 38.04 -1.24 -5.06
CA GLY B 99 38.31 0.17 -5.31
C GLY B 99 37.80 0.72 -6.65
N SER B 100 38.02 2.01 -6.91
CA SER B 100 37.62 2.63 -8.18
C SER B 100 38.69 3.61 -8.66
N ASP B 101 38.92 3.65 -9.99
CA ASP B 101 39.93 4.50 -10.63
C ASP B 101 39.64 6.00 -10.41
N ASN B 102 38.34 6.37 -10.42
CA ASN B 102 37.88 7.73 -10.23
C ASN B 102 36.50 7.77 -9.56
N VAL B 103 36.51 8.04 -8.25
CA VAL B 103 35.34 8.16 -7.37
C VAL B 103 34.63 9.57 -7.51
N THR B 104 35.11 10.40 -8.47
CA THR B 104 34.80 11.79 -8.77
C THR B 104 33.31 12.01 -9.08
N ASP B 105 32.71 11.17 -9.95
CA ASP B 105 31.30 11.27 -10.31
C ASP B 105 30.39 10.95 -9.12
N PHE B 106 30.75 9.93 -8.30
CA PHE B 106 29.99 9.57 -7.10
C PHE B 106 29.99 10.75 -6.11
N ASN B 107 31.15 11.40 -5.94
CA ASN B 107 31.32 12.53 -5.01
C ASN B 107 30.42 13.66 -5.43
N ALA B 108 30.35 13.95 -6.73
CA ALA B 108 29.51 14.99 -7.30
C ALA B 108 28.00 14.71 -7.06
N ILE B 109 27.55 13.46 -7.27
CA ILE B 109 26.15 13.09 -7.04
C ILE B 109 25.80 13.17 -5.54
N ALA B 110 26.70 12.66 -4.68
CA ALA B 110 26.51 12.63 -3.22
C ALA B 110 26.44 14.01 -2.58
N THR B 111 27.16 15.01 -3.16
CA THR B 111 27.28 16.34 -2.59
C THR B 111 26.47 17.46 -3.30
N CYS B 112 26.04 17.25 -4.57
CA CYS B 112 25.32 18.29 -5.34
C CYS B 112 23.93 18.65 -4.75
N ASP B 113 23.48 19.88 -5.02
CA ASP B 113 22.18 20.32 -4.49
C ASP B 113 21.00 20.08 -5.47
N TRP B 114 21.27 19.54 -6.68
CA TRP B 114 20.28 19.22 -7.72
C TRP B 114 19.61 20.46 -8.30
N THR B 115 20.20 21.68 -8.15
CA THR B 115 19.62 22.92 -8.69
C THR B 115 20.22 23.32 -10.05
N ASN B 116 21.27 22.64 -10.50
CA ASN B 116 21.94 22.92 -11.77
C ASN B 116 21.63 21.82 -12.75
N ALA B 117 21.57 22.17 -14.03
CA ALA B 117 21.30 21.24 -15.13
C ALA B 117 22.41 20.18 -15.23
N GLY B 118 23.66 20.58 -14.96
CA GLY B 118 24.82 19.68 -15.00
C GLY B 118 24.77 18.53 -14.03
N ASP B 119 23.92 18.65 -12.98
CA ASP B 119 23.69 17.61 -11.98
C ASP B 119 22.89 16.45 -12.57
N TYR B 120 21.93 16.80 -13.45
CA TYR B 120 21.04 15.86 -14.17
C TYR B 120 21.74 15.24 -15.36
N ILE B 121 22.65 16.01 -16.01
CA ILE B 121 23.47 15.56 -17.12
C ILE B 121 24.37 14.43 -16.59
N LEU B 122 25.04 14.65 -15.44
CA LEU B 122 25.90 13.65 -14.79
C LEU B 122 25.08 12.45 -14.33
N ALA B 123 23.90 12.68 -13.74
CA ALA B 123 23.02 11.57 -13.30
C ALA B 123 22.54 10.66 -14.46
N ASN B 124 22.74 11.07 -15.71
CA ASN B 124 22.31 10.26 -16.82
C ASN B 124 23.52 9.78 -17.69
N THR B 125 24.74 10.30 -17.47
CA THR B 125 25.90 9.88 -18.26
C THR B 125 26.87 8.93 -17.47
N CYS B 126 26.62 8.71 -16.16
CA CYS B 126 27.38 7.87 -15.23
C CYS B 126 27.08 6.36 -15.40
N THR B 127 27.80 5.48 -14.67
CA THR B 127 27.54 4.05 -14.76
C THR B 127 26.13 3.71 -14.32
N GLU B 128 25.62 2.53 -14.70
CA GLU B 128 24.29 2.11 -14.35
C GLU B 128 24.04 2.14 -12.84
N ARG B 129 25.01 1.66 -12.04
CA ARG B 129 24.85 1.68 -10.57
C ARG B 129 24.83 3.14 -10.00
N LEU B 130 25.52 4.05 -10.66
CA LEU B 130 25.52 5.45 -10.28
C LEU B 130 24.26 6.19 -10.73
N LYS B 131 23.59 5.69 -11.79
CA LYS B 131 22.32 6.21 -12.27
C LYS B 131 21.28 5.95 -11.18
N LEU B 132 21.30 4.76 -10.55
CA LEU B 132 20.37 4.43 -9.50
C LEU B 132 20.64 5.21 -8.23
N PHE B 133 21.92 5.41 -7.88
CA PHE B 133 22.30 6.17 -6.69
C PHE B 133 21.84 7.62 -6.88
N ALA B 134 22.11 8.21 -8.08
CA ALA B 134 21.70 9.57 -8.39
C ALA B 134 20.19 9.75 -8.37
N ALA B 135 19.44 8.73 -8.85
CA ALA B 135 17.99 8.79 -8.91
C ALA B 135 17.37 8.75 -7.52
N GLU B 136 17.84 7.84 -6.66
CA GLU B 136 17.42 7.73 -5.27
C GLU B 136 17.73 9.04 -4.50
N THR B 137 18.96 9.56 -4.67
CA THR B 137 19.47 10.74 -3.95
C THR B 137 18.67 11.97 -4.31
N LEU B 138 18.44 12.14 -5.63
CA LEU B 138 17.67 13.25 -6.18
C LEU B 138 16.25 13.18 -5.65
N LYS B 139 15.58 12.00 -5.73
CA LYS B 139 14.21 11.88 -5.26
C LYS B 139 14.09 12.17 -3.79
N ALA B 140 15.01 11.65 -2.98
CA ALA B 140 15.01 11.94 -1.55
C ALA B 140 15.23 13.42 -1.28
N THR B 141 16.08 14.07 -2.08
CA THR B 141 16.35 15.50 -1.97
C THR B 141 15.08 16.29 -2.28
N GLU B 142 14.40 15.94 -3.39
CA GLU B 142 13.14 16.53 -3.82
C GLU B 142 12.03 16.38 -2.75
N GLU B 143 11.89 15.17 -2.09
CA GLU B 143 10.86 14.92 -1.07
C GLU B 143 11.11 15.76 0.17
N THR B 144 12.38 15.85 0.57
CA THR B 144 12.82 16.63 1.73
C THR B 144 12.52 18.09 1.50
N PHE B 145 12.76 18.58 0.29
CA PHE B 145 12.47 19.94 -0.10
C PHE B 145 10.96 20.29 0.05
N LYS B 146 10.03 19.30 -0.09
CA LYS B 146 8.60 19.51 0.09
C LYS B 146 8.29 19.83 1.55
N LEU B 147 9.02 19.18 2.50
CA LEU B 147 8.92 19.39 3.96
C LEU B 147 9.38 20.78 4.38
N SER B 148 10.33 21.36 3.61
CA SER B 148 10.90 22.69 3.84
C SER B 148 9.87 23.82 3.71
N TYR B 149 8.77 23.58 2.97
CA TYR B 149 7.71 24.54 2.76
C TYR B 149 6.85 24.61 4.03
N GLY B 150 6.37 25.81 4.34
CA GLY B 150 5.55 26.02 5.51
C GLY B 150 4.12 25.54 5.34
N ILE B 151 3.46 25.21 6.47
CA ILE B 151 2.07 24.77 6.56
C ILE B 151 1.18 25.99 6.32
N ALA B 152 0.10 25.77 5.53
CA ALA B 152 -0.96 26.72 5.15
C ALA B 152 -2.20 26.44 6.01
N THR B 153 -2.74 27.43 6.71
CA THR B 153 -3.90 27.20 7.57
C THR B 153 -5.02 28.14 7.19
N VAL B 154 -6.26 27.67 7.26
CA VAL B 154 -7.41 28.50 6.95
C VAL B 154 -7.59 29.55 8.05
N ARG B 155 -7.50 30.80 7.66
CA ARG B 155 -7.68 31.94 8.54
C ARG B 155 -9.17 32.40 8.50
N GLU B 156 -9.81 32.31 7.31
CA GLU B 156 -11.18 32.70 7.12
C GLU B 156 -11.76 31.95 5.94
N VAL B 157 -12.95 31.39 6.12
CA VAL B 157 -13.63 30.71 5.02
C VAL B 157 -14.45 31.77 4.26
N LEU B 158 -13.79 32.48 3.30
CA LEU B 158 -14.33 33.59 2.48
C LEU B 158 -15.68 33.28 1.81
N SER B 159 -15.78 32.04 1.31
CA SER B 159 -16.95 31.46 0.65
C SER B 159 -16.53 30.09 0.07
N ASP B 160 -17.39 29.46 -0.72
CA ASP B 160 -17.06 28.22 -1.38
C ASP B 160 -16.06 28.56 -2.49
N ARG B 161 -15.07 27.68 -2.70
CA ARG B 161 -14.00 27.90 -3.68
C ARG B 161 -13.10 29.12 -3.36
N GLU B 162 -13.38 29.88 -2.27
CA GLU B 162 -12.57 31.03 -1.89
C GLU B 162 -12.09 30.90 -0.42
N LEU B 163 -10.85 31.32 -0.11
CA LEU B 163 -10.25 31.25 1.24
C LEU B 163 -9.17 32.33 1.56
N HIS B 164 -8.82 32.47 2.85
CA HIS B 164 -7.74 33.33 3.32
C HIS B 164 -6.75 32.41 4.05
N LEU B 165 -5.51 32.26 3.55
CA LEU B 165 -4.54 31.37 4.20
C LEU B 165 -3.56 32.10 5.12
N SER B 166 -3.14 31.39 6.16
CA SER B 166 -2.20 31.87 7.16
C SER B 166 -1.00 30.90 7.11
N TRP B 167 0.18 31.40 6.78
CA TRP B 167 1.37 30.57 6.59
C TRP B 167 2.31 30.51 7.74
N GLU B 168 3.06 29.42 7.82
CA GLU B 168 4.06 29.15 8.82
C GLU B 168 5.28 30.09 8.65
N VAL B 169 5.69 30.79 9.72
CA VAL B 169 6.81 31.73 9.71
C VAL B 169 8.15 30.98 9.69
N GLY B 170 9.15 31.56 9.03
CA GLY B 170 10.48 30.95 8.96
C GLY B 170 10.67 29.85 7.92
N LYS B 171 9.56 29.38 7.33
CA LYS B 171 9.59 28.36 6.28
C LYS B 171 8.98 28.94 5.00
N PRO B 172 9.67 28.80 3.86
CA PRO B 172 9.16 29.36 2.60
C PRO B 172 7.75 28.89 2.18
N ARG B 173 7.10 29.71 1.34
CA ARG B 173 5.78 29.37 0.82
C ARG B 173 5.94 28.72 -0.57
N PRO B 174 5.27 27.58 -0.81
CA PRO B 174 5.35 26.93 -2.13
C PRO B 174 4.57 27.65 -3.22
N PRO B 175 4.94 27.45 -4.50
CA PRO B 175 4.19 28.07 -5.59
C PRO B 175 2.74 27.61 -5.61
N LEU B 176 1.82 28.52 -5.94
CA LEU B 176 0.41 28.19 -5.96
C LEU B 176 -0.12 27.78 -7.35
N ASN B 177 0.43 26.70 -7.94
CA ASN B 177 -0.03 26.19 -9.24
C ASN B 177 -0.45 24.70 -9.19
N ARG B 178 -0.99 24.16 -10.32
CA ARG B 178 -1.45 22.77 -10.42
C ARG B 178 -0.34 21.74 -10.12
N ASN B 179 0.94 22.13 -10.34
CA ASN B 179 2.11 21.30 -10.02
C ASN B 179 2.26 21.04 -8.49
N TYR B 180 1.42 21.69 -7.67
CA TYR B 180 1.53 21.58 -6.21
C TYR B 180 0.19 21.11 -5.59
N VAL B 181 0.12 19.83 -5.17
CA VAL B 181 -1.12 19.29 -4.61
C VAL B 181 -1.07 19.10 -3.09
N PHE B 182 -1.82 19.93 -2.40
CA PHE B 182 -1.92 19.94 -0.94
C PHE B 182 -2.84 18.88 -0.45
N THR B 183 -2.75 18.57 0.82
CA THR B 183 -3.63 17.62 1.45
C THR B 183 -4.16 18.28 2.69
N GLY B 184 -5.47 18.35 2.81
CA GLY B 184 -6.10 18.98 3.94
C GLY B 184 -6.21 18.08 5.15
N TYR B 185 -6.25 18.71 6.34
CA TYR B 185 -6.35 18.04 7.63
C TYR B 185 -7.20 18.86 8.61
N ARG B 186 -7.91 18.18 9.54
CA ARG B 186 -8.69 18.84 10.59
C ARG B 186 -8.12 18.36 11.94
N VAL B 187 -7.74 19.30 12.81
CA VAL B 187 -7.12 18.98 14.10
C VAL B 187 -8.08 18.15 14.97
N THR B 188 -7.73 16.88 15.30
CA THR B 188 -8.55 15.99 16.15
C THR B 188 -8.09 16.03 17.65
N LYS B 189 -8.76 15.26 18.57
CA LYS B 189 -8.45 15.15 20.00
C LYS B 189 -6.94 15.21 20.30
N ASN B 190 -6.14 14.34 19.62
CA ASN B 190 -4.68 14.37 19.72
C ASN B 190 -4.03 13.80 18.45
N SER B 191 -4.64 14.05 17.29
CA SER B 191 -4.12 13.66 15.98
C SER B 191 -4.68 14.60 14.86
N LYS B 192 -4.57 14.23 13.58
CA LYS B 192 -5.08 15.00 12.45
C LYS B 192 -5.88 14.06 11.55
N VAL B 193 -7.04 14.53 11.03
CA VAL B 193 -7.84 13.67 10.15
C VAL B 193 -7.78 14.17 8.70
N GLN B 194 -7.47 13.24 7.76
CA GLN B 194 -7.36 13.52 6.34
C GLN B 194 -8.69 14.06 5.81
N ILE B 195 -8.64 15.16 5.05
CA ILE B 195 -9.85 15.78 4.53
C ILE B 195 -9.75 16.00 2.98
N GLY B 196 -8.97 15.15 2.31
CA GLY B 196 -8.82 15.19 0.85
C GLY B 196 -7.75 16.12 0.35
N GLU B 197 -7.38 15.98 -0.95
CA GLU B 197 -6.35 16.80 -1.59
C GLU B 197 -6.92 18.06 -2.22
N TYR B 198 -6.14 19.15 -2.20
CA TYR B 198 -6.52 20.47 -2.67
C TYR B 198 -5.44 21.13 -3.49
N THR B 199 -5.83 21.96 -4.43
CA THR B 199 -4.88 22.75 -5.22
C THR B 199 -5.27 24.23 -5.11
N PHE B 200 -4.31 25.16 -5.29
CA PHE B 200 -4.62 26.59 -5.13
C PHE B 200 -4.13 27.49 -6.27
N GLU B 201 -4.64 28.75 -6.30
CA GLU B 201 -4.29 29.83 -7.23
C GLU B 201 -4.69 31.19 -6.57
N LYS B 202 -3.98 32.28 -6.88
CA LYS B 202 -4.25 33.61 -6.32
C LYS B 202 -5.62 34.14 -6.79
N GLY B 203 -6.52 34.47 -5.86
CA GLY B 203 -7.86 34.95 -6.20
C GLY B 203 -8.34 36.22 -5.56
N ALA B 208 -5.54 36.10 0.12
CA ALA B 208 -6.59 36.21 -0.89
C ALA B 208 -6.42 35.09 -1.94
N VAL B 209 -6.82 33.83 -1.62
CA VAL B 209 -6.62 32.70 -2.54
C VAL B 209 -7.90 31.90 -2.86
N VAL B 210 -7.88 31.09 -3.96
CA VAL B 210 -8.97 30.25 -4.47
C VAL B 210 -8.60 28.75 -4.42
N TYR B 211 -9.54 27.87 -3.97
CA TYR B 211 -9.21 26.44 -3.85
C TYR B 211 -9.99 25.50 -4.77
N ARG B 212 -9.26 24.54 -5.34
CA ARG B 212 -9.77 23.49 -6.21
C ARG B 212 -9.64 22.14 -5.51
N GLY B 213 -10.54 21.90 -4.57
CA GLY B 213 -10.54 20.67 -3.80
C GLY B 213 -11.02 19.47 -4.57
N THR B 214 -10.22 18.40 -4.58
CA THR B 214 -10.59 17.14 -5.22
C THR B 214 -11.89 16.58 -4.61
N THR B 215 -12.10 16.81 -3.32
CA THR B 215 -13.28 16.39 -2.59
C THR B 215 -14.15 17.59 -2.17
N THR B 216 -15.41 17.33 -1.72
CA THR B 216 -16.37 18.36 -1.29
C THR B 216 -16.49 18.45 0.25
N TYR B 217 -15.74 19.39 0.86
CA TYR B 217 -15.79 19.57 2.31
C TYR B 217 -16.04 21.01 2.67
N LYS B 218 -16.83 21.22 3.73
CA LYS B 218 -17.10 22.57 4.22
C LYS B 218 -15.93 22.89 5.13
N LEU B 219 -14.74 23.17 4.52
CA LEU B 219 -13.52 23.45 5.29
C LEU B 219 -13.71 24.61 6.22
N ASN B 220 -13.22 24.42 7.42
CA ASN B 220 -13.37 25.37 8.49
C ASN B 220 -12.02 25.99 8.85
N VAL B 221 -12.06 27.18 9.49
CA VAL B 221 -10.91 27.92 9.98
C VAL B 221 -10.08 27.01 10.92
N GLY B 222 -8.78 26.87 10.68
CA GLY B 222 -7.95 25.97 11.49
C GLY B 222 -7.51 24.73 10.74
N ASP B 223 -8.24 24.38 9.66
CA ASP B 223 -7.88 23.26 8.81
C ASP B 223 -6.58 23.64 8.07
N TYR B 224 -5.67 22.68 7.90
CA TYR B 224 -4.38 23.02 7.32
C TYR B 224 -4.03 22.13 6.10
N PHE B 225 -3.09 22.60 5.26
CA PHE B 225 -2.69 21.99 3.98
C PHE B 225 -1.19 21.75 3.87
N VAL B 226 -0.80 20.51 3.58
CA VAL B 226 0.61 20.16 3.45
C VAL B 226 0.82 19.38 2.15
N LEU B 227 1.96 19.60 1.50
CA LEU B 227 2.35 18.82 0.32
C LEU B 227 2.74 17.43 0.82
N THR B 228 2.03 16.38 0.37
CA THR B 228 2.31 15.03 0.88
C THR B 228 3.66 14.52 0.42
N SER B 229 4.52 14.25 1.40
CA SER B 229 5.85 13.71 1.20
C SER B 229 5.83 12.17 1.32
N HIS B 230 6.82 11.52 0.71
CA HIS B 230 6.89 10.07 0.74
C HIS B 230 8.28 9.55 1.03
N THR B 231 8.35 8.28 1.49
CA THR B 231 9.60 7.56 1.75
C THR B 231 10.10 7.07 0.37
N VAL B 232 11.37 7.38 0.03
CA VAL B 232 12.02 6.96 -1.23
C VAL B 232 12.64 5.60 -0.96
N MET B 233 12.09 4.55 -1.54
CA MET B 233 12.65 3.20 -1.43
C MET B 233 13.92 3.09 -2.25
N PRO B 234 14.87 2.22 -1.85
CA PRO B 234 16.09 2.08 -2.64
C PRO B 234 15.84 1.39 -3.98
N LEU B 235 16.69 1.67 -4.95
CA LEU B 235 16.62 1.11 -6.29
C LEU B 235 17.55 -0.08 -6.35
N SER B 236 17.21 -1.10 -7.14
CA SER B 236 18.05 -2.30 -7.27
C SER B 236 18.27 -2.63 -8.77
N ALA B 237 17.18 -2.66 -9.54
CA ALA B 237 17.14 -2.98 -10.97
C ALA B 237 17.68 -1.83 -11.83
N PRO B 238 18.33 -2.12 -13.01
CA PRO B 238 18.81 -1.03 -13.86
C PRO B 238 17.69 -0.20 -14.48
N THR B 239 18.01 1.00 -15.01
CA THR B 239 17.02 1.85 -15.68
C THR B 239 16.53 1.17 -16.96
N LEU B 240 17.50 0.48 -17.67
CA LEU B 240 17.33 -0.31 -18.89
C LEU B 240 18.01 -1.66 -18.71
N VAL B 241 17.26 -2.76 -18.96
CA VAL B 241 17.87 -4.10 -18.93
C VAL B 241 18.87 -4.20 -20.10
N PRO B 242 19.79 -5.18 -20.10
CA PRO B 242 20.72 -5.29 -21.26
C PRO B 242 19.94 -5.63 -22.53
N GLN B 243 20.24 -4.93 -23.61
CA GLN B 243 19.58 -5.09 -24.89
C GLN B 243 19.94 -6.40 -25.56
N GLU B 244 18.93 -7.09 -26.11
CA GLU B 244 19.12 -8.32 -26.86
C GLU B 244 18.40 -8.22 -28.19
N HIS B 245 19.05 -8.61 -29.25
CA HIS B 245 18.46 -8.65 -30.57
C HIS B 245 18.25 -10.07 -30.96
N TYR B 246 17.12 -10.34 -31.57
CA TYR B 246 16.75 -11.69 -31.96
C TYR B 246 16.63 -11.83 -33.47
N VAL B 247 16.80 -13.08 -33.94
CA VAL B 247 16.68 -13.43 -35.36
C VAL B 247 15.21 -13.73 -35.76
N ARG B 248 14.41 -14.18 -34.79
CA ARG B 248 12.99 -14.49 -34.92
C ARG B 248 12.19 -13.74 -33.84
N ILE B 249 10.85 -13.69 -33.98
CA ILE B 249 9.97 -13.12 -32.95
C ILE B 249 10.02 -14.14 -31.81
N THR B 250 10.35 -13.64 -30.61
CA THR B 250 10.59 -14.47 -29.46
C THR B 250 9.48 -14.45 -28.42
N GLY B 251 8.94 -15.62 -28.11
CA GLY B 251 7.92 -15.76 -27.07
C GLY B 251 6.59 -15.09 -27.30
N LEU B 252 6.39 -14.64 -28.55
CA LEU B 252 5.17 -13.94 -28.97
C LEU B 252 4.62 -14.64 -30.20
N TYR B 253 3.28 -14.76 -30.29
CA TYR B 253 2.63 -15.46 -31.39
C TYR B 253 1.71 -14.53 -32.19
N PRO B 254 2.21 -14.09 -33.38
CA PRO B 254 1.46 -13.12 -34.20
C PRO B 254 0.16 -13.65 -34.77
N THR B 255 -0.78 -12.73 -34.98
CA THR B 255 -2.09 -13.04 -35.48
C THR B 255 -2.09 -13.35 -36.94
N LEU B 256 -3.04 -14.20 -37.34
CA LEU B 256 -3.17 -14.51 -38.75
C LEU B 256 -3.94 -13.40 -39.48
N ASN B 257 -4.98 -12.85 -38.82
CA ASN B 257 -5.76 -11.76 -39.37
C ASN B 257 -5.82 -10.59 -38.40
N ILE B 258 -5.38 -9.46 -38.87
CA ILE B 258 -5.42 -8.21 -38.18
C ILE B 258 -6.31 -7.28 -38.97
N SER B 259 -6.92 -6.29 -38.31
CA SER B 259 -7.72 -5.31 -39.02
C SER B 259 -6.81 -4.25 -39.68
N ASP B 260 -7.28 -3.67 -40.79
CA ASP B 260 -6.53 -2.65 -41.55
C ASP B 260 -6.32 -1.34 -40.81
N GLU B 261 -6.93 -1.17 -39.63
CA GLU B 261 -6.65 -0.01 -38.79
C GLU B 261 -5.32 -0.18 -38.01
N PHE B 262 -4.83 -1.42 -37.85
CA PHE B 262 -3.52 -1.69 -37.24
C PHE B 262 -2.46 -2.19 -38.21
N SER B 263 -2.82 -2.27 -39.51
CA SER B 263 -1.94 -2.74 -40.56
C SER B 263 -0.68 -1.89 -40.70
N SER B 264 -0.77 -0.59 -40.48
CA SER B 264 0.40 0.30 -40.58
C SER B 264 1.48 -0.03 -39.54
N ASN B 265 1.10 -0.73 -38.46
CA ASN B 265 2.07 -1.03 -37.41
C ASN B 265 2.60 -2.44 -37.41
N VAL B 266 2.28 -3.26 -38.43
CA VAL B 266 2.70 -4.66 -38.46
C VAL B 266 4.25 -4.84 -38.44
N ALA B 267 4.97 -4.05 -39.23
CA ALA B 267 6.41 -4.11 -39.26
C ALA B 267 6.99 -3.69 -37.89
N ASN B 268 6.36 -2.68 -37.24
CA ASN B 268 6.81 -2.24 -35.91
C ASN B 268 6.50 -3.24 -34.80
N TYR B 269 5.33 -3.91 -34.83
CA TYR B 269 5.00 -4.93 -33.82
C TYR B 269 5.94 -6.10 -33.97
N GLN B 270 6.37 -6.43 -35.23
CA GLN B 270 7.31 -7.53 -35.45
C GLN B 270 8.66 -7.17 -34.88
N LYS B 271 9.12 -5.92 -35.14
CA LYS B 271 10.34 -5.36 -34.57
C LYS B 271 10.32 -5.48 -33.02
N VAL B 272 9.13 -5.22 -32.40
CA VAL B 272 8.89 -5.37 -30.97
C VAL B 272 9.25 -6.80 -30.47
N GLY B 273 8.81 -7.82 -31.21
CA GLY B 273 9.07 -9.21 -30.83
C GLY B 273 10.48 -9.69 -31.15
N MET B 274 11.26 -8.90 -31.88
CA MET B 274 12.62 -9.25 -32.29
C MET B 274 13.75 -8.54 -31.52
N GLN B 275 13.42 -7.90 -30.41
CA GLN B 275 14.43 -7.36 -29.50
C GLN B 275 13.88 -7.35 -28.07
N LYS B 276 14.76 -7.30 -27.05
CA LYS B 276 14.36 -7.27 -25.66
C LYS B 276 13.54 -6.01 -25.39
N TYR B 277 14.05 -4.84 -25.75
CA TYR B 277 13.33 -3.60 -25.55
C TYR B 277 13.41 -2.76 -26.79
N SER B 278 12.34 -1.97 -27.02
CA SER B 278 12.25 -1.09 -28.19
C SER B 278 11.71 0.27 -27.83
N THR B 279 12.19 1.30 -28.52
CA THR B 279 11.77 2.65 -28.29
C THR B 279 10.86 3.13 -29.45
N LEU B 280 9.77 3.82 -29.11
CA LEU B 280 8.87 4.34 -30.11
C LEU B 280 8.72 5.84 -29.90
N GLN B 281 9.19 6.65 -30.86
CA GLN B 281 8.97 8.07 -30.79
C GLN B 281 7.68 8.35 -31.61
N GLY B 282 6.65 8.81 -30.92
CA GLY B 282 5.41 9.19 -31.53
C GLY B 282 5.08 10.65 -31.31
N PRO B 283 5.44 11.55 -32.28
CA PRO B 283 5.02 12.97 -32.18
C PRO B 283 3.53 13.16 -31.86
N PRO B 284 3.09 14.40 -31.57
CA PRO B 284 1.66 14.62 -31.27
C PRO B 284 0.74 14.13 -32.38
N GLY B 285 -0.29 13.39 -31.99
CA GLY B 285 -1.33 12.96 -32.91
C GLY B 285 -0.90 11.99 -33.99
N THR B 286 0.16 11.19 -33.72
CA THR B 286 0.64 10.19 -34.68
C THR B 286 0.14 8.75 -34.33
N GLY B 287 -0.56 8.55 -33.20
CA GLY B 287 -1.11 7.23 -32.84
C GLY B 287 -0.41 6.32 -31.82
N LYS B 288 0.16 6.89 -30.76
CA LYS B 288 0.83 6.11 -29.73
C LYS B 288 -0.11 5.14 -28.99
N SER B 289 -1.29 5.63 -28.55
CA SER B 289 -2.23 4.76 -27.83
C SER B 289 -2.80 3.66 -28.75
N HIS B 290 -3.03 4.01 -30.01
CA HIS B 290 -3.51 3.08 -31.04
C HIS B 290 -2.45 1.98 -31.28
N PHE B 291 -1.18 2.38 -31.31
CA PHE B 291 -0.07 1.43 -31.45
C PHE B 291 -0.02 0.51 -30.22
N ALA B 292 -0.04 1.08 -29.01
CA ALA B 292 0.02 0.31 -27.80
C ALA B 292 -1.06 -0.77 -27.71
N ILE B 293 -2.31 -0.42 -28.04
CA ILE B 293 -3.43 -1.36 -27.97
C ILE B 293 -3.40 -2.36 -29.15
N GLY B 294 -3.02 -1.89 -30.33
CA GLY B 294 -2.92 -2.75 -31.51
C GLY B 294 -1.86 -3.82 -31.41
N LEU B 295 -0.88 -3.62 -30.54
CA LEU B 295 0.17 -4.58 -30.26
C LEU B 295 -0.44 -5.83 -29.58
N ALA B 296 -1.52 -5.63 -28.77
CA ALA B 296 -2.28 -6.70 -28.13
C ALA B 296 -3.09 -7.51 -29.16
N LEU B 297 -3.58 -6.83 -30.20
CA LEU B 297 -4.33 -7.49 -31.24
C LEU B 297 -3.35 -8.28 -32.17
N TYR B 298 -2.14 -7.73 -32.39
CA TYR B 298 -1.14 -8.41 -33.19
C TYR B 298 -0.56 -9.66 -32.48
N TYR B 299 -0.43 -9.63 -31.15
CA TYR B 299 0.01 -10.82 -30.38
C TYR B 299 -1.12 -11.10 -29.44
N PRO B 300 -2.20 -11.76 -29.94
CA PRO B 300 -3.43 -11.91 -29.14
C PRO B 300 -3.34 -12.83 -27.92
N SER B 301 -2.29 -13.64 -27.86
CA SER B 301 -2.06 -14.56 -26.74
C SER B 301 -1.18 -13.92 -25.63
N ALA B 302 -0.45 -12.84 -25.97
CA ALA B 302 0.46 -12.15 -25.07
C ALA B 302 -0.20 -11.41 -23.92
N ARG B 303 0.31 -11.66 -22.71
CA ARG B 303 -0.06 -10.96 -21.48
C ARG B 303 0.70 -9.62 -21.52
N ILE B 304 -0.02 -8.49 -21.59
CA ILE B 304 0.62 -7.18 -21.64
C ILE B 304 0.33 -6.36 -20.43
N VAL B 305 1.36 -5.80 -19.78
CA VAL B 305 1.16 -4.87 -18.70
C VAL B 305 1.39 -3.48 -19.30
N TYR B 306 0.39 -2.61 -19.19
CA TYR B 306 0.43 -1.24 -19.67
C TYR B 306 0.69 -0.34 -18.49
N THR B 307 1.80 0.42 -18.54
CA THR B 307 2.20 1.28 -17.44
C THR B 307 2.59 2.65 -17.94
N ALA B 308 2.49 3.63 -17.04
CA ALA B 308 2.86 5.04 -17.22
C ALA B 308 2.97 5.69 -15.82
N CYS B 309 3.57 6.87 -15.73
CA CYS B 309 3.76 7.52 -14.43
C CYS B 309 2.45 8.04 -13.86
N SER B 310 1.66 8.72 -14.71
CA SER B 310 0.41 9.30 -14.24
C SER B 310 -0.82 8.44 -14.43
N HIS B 311 -1.81 8.66 -13.56
CA HIS B 311 -3.09 8.00 -13.64
C HIS B 311 -3.78 8.41 -14.93
N ALA B 312 -3.63 9.69 -15.39
CA ALA B 312 -4.19 10.19 -16.64
C ALA B 312 -3.67 9.37 -17.85
N ALA B 313 -2.33 9.14 -17.96
CA ALA B 313 -1.78 8.35 -19.05
C ALA B 313 -2.24 6.89 -19.03
N VAL B 314 -2.30 6.27 -17.81
CA VAL B 314 -2.80 4.88 -17.68
C VAL B 314 -4.28 4.80 -18.14
N ASP B 315 -5.13 5.76 -17.68
CA ASP B 315 -6.54 5.88 -18.01
C ASP B 315 -6.77 6.07 -19.52
N ALA B 316 -5.92 6.87 -20.21
CA ALA B 316 -6.04 7.06 -21.65
C ALA B 316 -5.70 5.73 -22.37
N LEU B 317 -4.80 4.90 -21.81
CA LEU B 317 -4.54 3.57 -22.38
C LEU B 317 -5.76 2.65 -22.14
N CYS B 318 -6.39 2.77 -20.99
CA CYS B 318 -7.60 2.02 -20.59
C CYS B 318 -8.73 2.38 -21.58
N GLU B 319 -8.91 3.69 -21.91
CA GLU B 319 -9.94 4.14 -22.84
C GLU B 319 -9.80 3.55 -24.22
N LYS B 320 -8.57 3.52 -24.76
CA LYS B 320 -8.30 2.93 -26.04
C LYS B 320 -8.50 1.40 -25.97
N ALA B 321 -8.13 0.73 -24.86
CA ALA B 321 -8.34 -0.73 -24.73
C ALA B 321 -9.82 -1.09 -24.62
N LEU B 322 -10.62 -0.22 -24.02
CA LEU B 322 -12.05 -0.45 -23.87
C LEU B 322 -12.73 -0.59 -25.25
N LYS B 323 -12.24 0.14 -26.26
CA LYS B 323 -12.70 0.14 -27.64
C LYS B 323 -12.25 -1.09 -28.47
N TYR B 324 -11.05 -1.66 -28.19
CA TYR B 324 -10.52 -2.75 -29.01
C TYR B 324 -10.34 -4.11 -28.34
N LEU B 325 -10.18 -4.12 -27.03
CA LEU B 325 -9.87 -5.34 -26.29
C LEU B 325 -11.04 -5.81 -25.43
N PRO B 326 -11.12 -7.12 -25.16
CA PRO B 326 -12.23 -7.63 -24.33
C PRO B 326 -12.10 -7.22 -22.86
N ILE B 327 -13.13 -6.51 -22.35
CA ILE B 327 -13.23 -5.97 -20.99
C ILE B 327 -13.00 -7.01 -19.86
N ASP B 328 -13.42 -8.27 -20.04
CA ASP B 328 -13.17 -9.30 -19.03
C ASP B 328 -11.70 -9.73 -18.95
N LYS B 329 -10.87 -9.35 -19.96
CA LYS B 329 -9.44 -9.62 -20.06
C LYS B 329 -8.57 -8.43 -19.59
N CYS B 330 -9.19 -7.35 -19.05
CA CYS B 330 -8.56 -6.13 -18.56
C CYS B 330 -8.79 -5.89 -17.07
N SER B 331 -7.77 -5.27 -16.45
CA SER B 331 -7.85 -4.91 -15.06
C SER B 331 -7.08 -3.61 -14.80
N ARG B 332 -7.71 -2.67 -14.07
CA ARG B 332 -7.10 -1.41 -13.68
C ARG B 332 -6.58 -1.57 -12.23
N ILE B 333 -5.25 -1.54 -12.05
CA ILE B 333 -4.65 -1.67 -10.70
C ILE B 333 -4.68 -0.34 -9.99
N ILE B 334 -5.40 -0.27 -8.89
CA ILE B 334 -5.57 0.94 -8.11
C ILE B 334 -4.98 0.74 -6.72
N PRO B 335 -4.08 1.66 -6.30
CA PRO B 335 -3.53 1.56 -4.93
C PRO B 335 -4.54 2.01 -3.84
N ALA B 336 -4.35 1.55 -2.60
CA ALA B 336 -5.23 1.95 -1.49
C ALA B 336 -4.98 3.44 -1.15
N VAL B 340 -8.17 8.76 -4.94
CA VAL B 340 -7.96 9.36 -6.26
C VAL B 340 -8.88 8.73 -7.35
N GLU B 341 -9.55 9.58 -8.17
CA GLU B 341 -10.49 9.07 -9.17
C GLU B 341 -9.85 8.74 -10.53
N CYS B 342 -9.91 7.47 -10.91
CA CYS B 342 -9.36 7.01 -12.18
C CYS B 342 -10.36 6.09 -12.94
N PHE B 343 -9.92 5.37 -13.98
CA PHE B 343 -10.71 4.48 -14.82
C PHE B 343 -11.48 3.42 -14.03
N ASP B 344 -12.83 3.46 -14.12
CA ASP B 344 -13.70 2.54 -13.37
C ASP B 344 -14.30 1.38 -14.19
N LYS B 345 -13.93 1.22 -15.47
CA LYS B 345 -14.62 0.24 -16.31
C LYS B 345 -13.96 -1.18 -16.37
N PHE B 346 -12.78 -1.38 -15.77
CA PHE B 346 -12.17 -2.73 -15.74
C PHE B 346 -12.30 -3.33 -14.33
N LYS B 347 -12.22 -4.68 -14.19
CA LYS B 347 -12.27 -5.31 -12.86
C LYS B 347 -11.07 -4.83 -12.04
N VAL B 348 -11.32 -4.18 -10.90
CA VAL B 348 -10.25 -3.54 -10.12
C VAL B 348 -9.37 -4.53 -9.35
N ASN B 349 -8.05 -4.33 -9.46
CA ASN B 349 -6.98 -5.05 -8.75
C ASN B 349 -6.86 -6.53 -9.02
N SER B 350 -7.27 -6.98 -10.21
CA SER B 350 -7.09 -8.39 -10.57
C SER B 350 -5.77 -8.47 -11.33
N THR B 351 -4.71 -8.80 -10.59
CA THR B 351 -3.32 -8.87 -11.05
C THR B 351 -3.10 -9.92 -12.14
N LEU B 352 -3.90 -10.98 -12.13
CA LEU B 352 -3.71 -12.11 -13.03
C LEU B 352 -4.36 -11.98 -14.44
N GLU B 353 -5.10 -10.88 -14.70
CA GLU B 353 -5.72 -10.63 -16.01
C GLU B 353 -4.66 -10.53 -17.12
N GLN B 354 -5.04 -10.84 -18.38
CA GLN B 354 -4.15 -10.75 -19.53
C GLN B 354 -3.65 -9.32 -19.73
N TYR B 355 -4.54 -8.33 -19.53
CA TYR B 355 -4.21 -6.92 -19.71
C TYR B 355 -4.28 -6.22 -18.37
N VAL B 356 -3.15 -5.69 -17.93
CA VAL B 356 -3.07 -5.03 -16.63
C VAL B 356 -2.66 -3.58 -16.85
N PHE B 357 -3.47 -2.65 -16.38
CA PHE B 357 -3.21 -1.21 -16.57
C PHE B 357 -2.98 -0.66 -15.18
N CYS B 358 -1.80 -0.13 -14.95
CA CYS B 358 -1.41 0.30 -13.63
C CYS B 358 -0.29 1.33 -13.70
N THR B 359 -0.32 2.33 -12.79
CA THR B 359 0.77 3.33 -12.75
C THR B 359 2.07 2.67 -12.22
N VAL B 360 3.22 3.25 -12.56
CA VAL B 360 4.51 2.75 -12.12
C VAL B 360 4.62 2.52 -10.59
N ASN B 361 4.22 3.49 -9.71
CA ASN B 361 4.39 3.26 -8.24
C ASN B 361 3.42 2.26 -7.64
N ALA B 362 2.37 1.87 -8.38
CA ALA B 362 1.46 0.86 -7.90
C ALA B 362 1.71 -0.53 -8.50
N LEU B 363 2.73 -0.69 -9.36
CA LEU B 363 3.02 -1.96 -10.01
C LEU B 363 3.28 -3.08 -9.05
N PRO B 364 2.56 -4.19 -9.20
CA PRO B 364 2.88 -5.38 -8.40
C PRO B 364 4.10 -6.13 -8.97
N GLU B 365 4.62 -7.07 -8.18
CA GLU B 365 5.75 -7.89 -8.62
C GLU B 365 5.14 -9.01 -9.43
N THR B 366 5.32 -8.97 -10.76
CA THR B 366 4.76 -9.94 -11.70
C THR B 366 5.63 -10.02 -12.99
N THR B 367 5.24 -10.91 -13.92
CA THR B 367 5.90 -11.05 -15.20
C THR B 367 4.90 -10.74 -16.33
N ALA B 368 5.39 -10.54 -17.55
CA ALA B 368 4.54 -10.27 -18.72
C ALA B 368 5.26 -10.66 -20.00
N ASP B 369 4.50 -10.91 -21.05
CA ASP B 369 5.07 -11.18 -22.36
C ASP B 369 5.58 -9.85 -22.93
N ILE B 370 4.83 -8.75 -22.72
CA ILE B 370 5.24 -7.41 -23.12
C ILE B 370 4.87 -6.41 -22.02
N VAL B 371 5.77 -5.48 -21.72
CA VAL B 371 5.47 -4.36 -20.86
C VAL B 371 5.45 -3.15 -21.79
N VAL B 372 4.39 -2.34 -21.76
CA VAL B 372 4.33 -1.12 -22.56
C VAL B 372 4.43 0.03 -21.56
N PHE B 373 5.48 0.84 -21.63
CA PHE B 373 5.66 1.98 -20.75
C PHE B 373 5.43 3.20 -21.63
N ASP B 374 4.28 3.83 -21.44
CA ASP B 374 3.84 4.98 -22.19
C ASP B 374 4.25 6.32 -21.51
N GLU B 375 4.21 7.40 -22.30
CA GLU B 375 4.58 8.77 -22.00
C GLU B 375 5.98 8.81 -21.35
N ILE B 376 6.97 8.22 -22.04
CA ILE B 376 8.34 8.05 -21.57
C ILE B 376 9.12 9.35 -21.37
N SER B 377 8.73 10.50 -21.98
CA SER B 377 9.41 11.75 -21.69
C SER B 377 9.15 12.17 -20.19
N MET B 378 7.98 11.82 -19.65
CA MET B 378 7.61 12.15 -18.27
C MET B 378 8.25 11.22 -17.22
N ALA B 379 8.90 10.14 -17.67
CA ALA B 379 9.52 9.20 -16.73
C ALA B 379 10.86 9.77 -16.26
N THR B 380 11.25 9.36 -15.06
CA THR B 380 12.56 9.65 -14.47
C THR B 380 13.27 8.31 -14.42
N ASN B 381 14.59 8.33 -14.21
CA ASN B 381 15.36 7.10 -14.08
C ASN B 381 14.89 6.28 -12.89
N TYR B 382 14.32 6.94 -11.85
CA TYR B 382 13.76 6.27 -10.69
C TYR B 382 12.61 5.35 -11.16
N ASP B 383 11.64 5.91 -11.93
CA ASP B 383 10.53 5.19 -12.53
C ASP B 383 10.99 4.02 -13.40
N LEU B 384 11.97 4.27 -14.28
CA LEU B 384 12.52 3.25 -15.18
C LEU B 384 13.03 2.03 -14.42
N SER B 385 13.72 2.28 -13.30
CA SER B 385 14.31 1.27 -12.44
C SER B 385 13.23 0.48 -11.75
N VAL B 386 12.23 1.18 -11.19
CA VAL B 386 11.09 0.57 -10.48
C VAL B 386 10.38 -0.40 -11.40
N VAL B 387 10.11 0.02 -12.67
CA VAL B 387 9.47 -0.87 -13.66
C VAL B 387 10.33 -2.14 -13.87
N ASN B 388 11.65 -1.97 -14.01
CA ASN B 388 12.52 -3.14 -14.19
C ASN B 388 12.54 -4.08 -12.96
N ALA B 389 12.25 -3.54 -11.75
CA ALA B 389 12.21 -4.30 -10.51
C ALA B 389 10.92 -5.03 -10.27
N ARG B 390 9.78 -4.38 -10.62
CA ARG B 390 8.47 -4.98 -10.42
C ARG B 390 8.08 -5.97 -11.54
N LEU B 391 8.48 -5.68 -12.81
CA LEU B 391 8.07 -6.45 -13.99
C LEU B 391 9.18 -7.19 -14.71
N ARG B 392 9.12 -8.53 -14.77
CA ARG B 392 10.09 -9.31 -15.55
C ARG B 392 9.38 -9.71 -16.90
N ALA B 393 9.77 -9.05 -18.01
CA ALA B 393 9.13 -9.26 -19.28
C ALA B 393 10.00 -9.81 -20.41
N LYS B 394 9.36 -10.53 -21.37
CA LYS B 394 10.05 -11.02 -22.57
C LYS B 394 10.43 -9.78 -23.42
N HIS B 395 9.55 -8.74 -23.46
CA HIS B 395 9.76 -7.53 -24.24
C HIS B 395 9.28 -6.29 -23.52
N TYR B 396 9.99 -5.17 -23.69
CA TYR B 396 9.63 -3.92 -23.07
C TYR B 396 9.54 -2.92 -24.18
N VAL B 397 8.40 -2.21 -24.29
CA VAL B 397 8.24 -1.17 -25.29
C VAL B 397 8.10 0.16 -24.59
N TYR B 398 8.94 1.13 -24.94
CA TYR B 398 8.95 2.47 -24.35
C TYR B 398 8.39 3.40 -25.36
N ILE B 399 7.22 3.93 -25.09
CA ILE B 399 6.53 4.85 -25.99
C ILE B 399 6.49 6.28 -25.41
N GLY B 400 6.83 7.25 -26.24
CA GLY B 400 6.77 8.64 -25.85
C GLY B 400 7.36 9.49 -26.94
N ASP B 401 7.84 10.66 -26.55
CA ASP B 401 8.40 11.60 -27.48
C ASP B 401 9.36 12.49 -26.74
N PRO B 402 10.70 12.36 -27.01
CA PRO B 402 11.68 13.23 -26.34
C PRO B 402 11.52 14.71 -26.71
N ALA B 403 10.74 15.02 -27.75
CA ALA B 403 10.44 16.39 -28.16
C ALA B 403 9.25 16.99 -27.38
N GLN B 404 8.65 16.21 -26.46
CA GLN B 404 7.60 16.67 -25.58
C GLN B 404 8.18 16.92 -24.16
N LEU B 405 7.32 17.34 -23.25
CA LEU B 405 7.71 17.72 -21.93
C LEU B 405 8.16 16.57 -20.98
N PRO B 406 9.24 16.86 -20.23
CA PRO B 406 9.69 15.92 -19.21
C PRO B 406 8.96 16.19 -17.88
N ALA B 407 9.18 15.28 -16.90
CA ALA B 407 8.68 15.42 -15.53
C ALA B 407 9.30 16.69 -14.96
N PRO B 408 8.51 17.51 -14.26
CA PRO B 408 9.07 18.73 -13.68
C PRO B 408 10.16 18.37 -12.66
N ARG B 409 11.23 19.11 -12.71
CA ARG B 409 12.34 18.93 -11.81
C ARG B 409 12.27 20.12 -10.91
N THR B 410 11.51 19.98 -9.82
CA THR B 410 11.24 21.03 -8.83
C THR B 410 12.50 21.69 -8.30
N LEU B 411 13.65 20.96 -8.18
CA LEU B 411 14.87 21.56 -7.65
C LEU B 411 15.67 22.30 -8.70
N LEU B 412 15.55 21.90 -9.98
CA LEU B 412 16.30 22.50 -11.08
C LEU B 412 15.88 23.94 -11.37
N THR B 413 16.80 24.85 -11.09
CA THR B 413 16.54 26.27 -11.31
C THR B 413 17.58 26.92 -12.23
N LYS B 414 18.73 26.28 -12.45
CA LYS B 414 19.81 26.86 -13.25
C LYS B 414 20.19 25.99 -14.43
N GLY B 415 19.93 26.49 -15.62
CA GLY B 415 20.23 25.75 -16.83
C GLY B 415 19.02 25.02 -17.35
N THR B 416 19.11 24.57 -18.59
CA THR B 416 18.02 23.85 -19.22
C THR B 416 18.38 22.37 -19.35
N LEU B 417 17.42 21.49 -19.04
CA LEU B 417 17.60 20.05 -19.16
C LEU B 417 17.26 19.60 -20.59
N GLU B 418 18.28 19.24 -21.39
CA GLU B 418 18.09 18.77 -22.76
C GLU B 418 17.40 17.38 -22.79
N PRO B 419 16.62 17.07 -23.86
CA PRO B 419 15.89 15.79 -23.93
C PRO B 419 16.72 14.52 -23.77
N GLU B 420 17.97 14.55 -24.23
CA GLU B 420 18.87 13.42 -24.04
C GLU B 420 19.16 13.13 -22.56
N TYR B 421 18.82 14.05 -21.66
CA TYR B 421 19.05 13.87 -20.24
C TYR B 421 17.76 13.65 -19.43
N PHE B 422 16.58 13.45 -20.10
CA PHE B 422 15.33 13.25 -19.37
C PHE B 422 15.34 11.94 -18.60
N ASN B 423 15.78 10.88 -19.26
CA ASN B 423 15.93 9.56 -18.67
C ASN B 423 16.75 8.70 -19.65
N SER B 424 17.08 7.47 -19.25
CA SER B 424 17.88 6.56 -20.03
C SER B 424 17.28 6.27 -21.41
N VAL B 425 15.92 6.16 -21.51
CA VAL B 425 15.25 5.89 -22.78
C VAL B 425 15.36 7.10 -23.70
N CYS B 426 15.13 8.30 -23.18
CA CYS B 426 15.22 9.50 -23.96
C CYS B 426 16.65 9.73 -24.43
N ARG B 427 17.64 9.37 -23.59
CA ARG B 427 19.04 9.41 -23.97
C ARG B 427 19.28 8.57 -25.22
N LEU B 428 18.75 7.34 -25.24
CA LEU B 428 18.88 6.47 -26.42
C LEU B 428 18.18 7.07 -27.64
N MET B 429 16.93 7.54 -27.49
CA MET B 429 16.17 8.14 -28.57
C MET B 429 16.87 9.33 -29.18
N LYS B 430 17.62 10.10 -28.39
CA LYS B 430 18.31 11.29 -28.90
C LYS B 430 19.73 11.00 -29.42
N THR B 431 20.33 9.87 -29.02
CA THR B 431 21.72 9.55 -29.39
C THR B 431 21.81 8.50 -30.54
N ILE B 432 21.25 7.29 -30.33
CA ILE B 432 21.20 6.27 -31.37
C ILE B 432 19.92 6.36 -32.25
N GLY B 433 18.93 7.17 -31.82
CA GLY B 433 17.64 7.30 -32.49
C GLY B 433 16.62 6.31 -31.97
N PRO B 434 15.33 6.57 -32.16
CA PRO B 434 14.32 5.59 -31.72
C PRO B 434 14.25 4.39 -32.68
N ASP B 435 13.83 3.23 -32.15
CA ASP B 435 13.69 2.04 -33.00
C ASP B 435 12.53 2.23 -33.98
N MET B 436 11.43 2.83 -33.47
CA MET B 436 10.24 3.04 -34.26
C MET B 436 9.82 4.48 -34.19
N PHE B 437 9.24 4.99 -35.29
CA PHE B 437 8.83 6.36 -35.36
C PHE B 437 7.44 6.47 -36.04
N LEU B 438 6.50 7.19 -35.42
CA LEU B 438 5.17 7.38 -36.01
C LEU B 438 5.25 8.68 -36.76
N GLY B 439 5.40 8.57 -38.07
CA GLY B 439 5.71 9.70 -38.92
C GLY B 439 4.57 10.53 -39.45
N THR B 440 3.31 10.10 -39.25
CA THR B 440 2.20 10.88 -39.80
C THR B 440 1.31 11.46 -38.69
N CYS B 441 1.32 12.79 -38.61
CA CYS B 441 0.47 13.49 -37.67
C CYS B 441 -0.92 13.63 -38.29
N ARG B 442 -1.93 13.11 -37.62
CA ARG B 442 -3.29 13.17 -38.11
C ARG B 442 -4.16 14.25 -37.44
N ARG B 443 -3.64 14.90 -36.42
CA ARG B 443 -4.39 15.87 -35.66
C ARG B 443 -4.33 17.27 -36.23
N CYS B 444 -3.11 17.75 -36.49
CA CYS B 444 -2.88 19.15 -36.73
C CYS B 444 -2.99 19.60 -38.15
N PRO B 445 -3.41 20.90 -38.33
CA PRO B 445 -3.33 21.53 -39.67
C PRO B 445 -1.89 21.44 -40.17
N ALA B 446 -1.67 21.35 -41.48
CA ALA B 446 -0.31 21.22 -42.01
C ALA B 446 0.66 22.35 -41.57
N GLU B 447 0.20 23.61 -41.37
CA GLU B 447 1.09 24.72 -40.93
C GLU B 447 1.85 24.36 -39.65
N ILE B 448 1.13 23.71 -38.69
CA ILE B 448 1.62 23.28 -37.40
C ILE B 448 2.57 22.11 -37.57
N VAL B 449 2.16 21.12 -38.38
CA VAL B 449 3.00 19.96 -38.62
C VAL B 449 4.33 20.39 -39.29
N ASP B 450 4.26 21.28 -40.27
CA ASP B 450 5.43 21.75 -40.99
C ASP B 450 6.38 22.49 -40.05
N THR B 451 5.83 23.31 -39.13
CA THR B 451 6.64 24.04 -38.14
C THR B 451 7.36 23.10 -37.15
N VAL B 452 6.65 22.19 -36.46
CA VAL B 452 7.24 21.31 -35.45
C VAL B 452 8.13 20.23 -36.07
N SER B 453 7.81 19.76 -37.28
CA SER B 453 8.61 18.79 -38.03
C SER B 453 10.03 19.34 -38.22
N ALA B 454 10.16 20.63 -38.61
CA ALA B 454 11.44 21.31 -38.80
C ALA B 454 12.05 21.74 -37.46
N LEU B 455 11.23 22.03 -36.45
CA LEU B 455 11.70 22.49 -35.15
C LEU B 455 12.34 21.39 -34.33
N VAL B 456 11.69 20.21 -34.21
CA VAL B 456 12.20 19.17 -33.32
C VAL B 456 12.24 17.75 -33.90
N TYR B 457 11.74 17.54 -35.13
CA TYR B 457 11.63 16.18 -35.69
C TYR B 457 12.49 15.94 -36.91
N ASP B 458 13.51 16.78 -37.16
CA ASP B 458 14.44 16.65 -38.30
C ASP B 458 13.72 16.46 -39.64
N ASN B 459 12.62 17.19 -39.84
CA ASN B 459 11.76 17.19 -41.04
C ASN B 459 11.18 15.80 -41.39
N LYS B 460 11.07 14.92 -40.40
CA LYS B 460 10.53 13.58 -40.62
C LYS B 460 9.04 13.46 -40.27
N LEU B 461 8.42 14.52 -39.69
CA LEU B 461 6.99 14.45 -39.35
C LEU B 461 6.17 14.99 -40.55
N LYS B 462 5.23 14.15 -41.04
CA LYS B 462 4.37 14.43 -42.19
C LYS B 462 2.94 14.79 -41.77
N ALA B 463 2.27 15.70 -42.52
CA ALA B 463 0.90 16.08 -42.17
C ALA B 463 -0.11 15.21 -42.89
N HIS B 464 -1.12 14.74 -42.18
CA HIS B 464 -2.23 13.99 -42.77
C HIS B 464 -3.26 15.03 -43.28
N LYS B 465 -3.58 16.03 -42.46
CA LYS B 465 -4.46 17.12 -42.86
C LYS B 465 -3.73 18.08 -43.80
N ASP B 466 -4.52 18.82 -44.60
CA ASP B 466 -3.96 19.88 -45.43
C ASP B 466 -3.81 21.12 -44.48
N LYS B 467 -3.33 22.24 -45.03
CA LYS B 467 -3.28 23.48 -44.30
C LYS B 467 -4.73 23.91 -43.96
N SER B 468 -4.93 24.43 -42.74
CA SER B 468 -6.26 24.87 -42.34
C SER B 468 -6.55 26.31 -42.80
N ALA B 469 -5.49 27.12 -43.04
CA ALA B 469 -5.48 28.56 -43.29
C ALA B 469 -6.06 29.37 -42.10
N GLN B 470 -6.05 28.75 -40.91
CA GLN B 470 -6.51 29.26 -39.63
C GLN B 470 -5.39 29.22 -38.57
N CYS B 471 -4.12 29.32 -39.00
CA CYS B 471 -2.97 29.29 -38.11
C CYS B 471 -2.33 30.63 -38.23
N PHE B 472 -2.41 31.44 -37.17
CA PHE B 472 -1.93 32.82 -37.16
C PHE B 472 -0.87 33.08 -36.11
N LYS B 473 0.00 34.07 -36.39
CA LYS B 473 1.05 34.48 -35.50
C LYS B 473 1.12 36.02 -35.46
N MET B 474 1.39 36.57 -34.28
N MET B 474 1.35 36.59 -34.26
CA MET B 474 1.57 38.00 -34.11
CA MET B 474 1.48 38.02 -34.04
C MET B 474 2.77 38.22 -33.24
C MET B 474 2.74 38.26 -33.20
N PHE B 475 3.59 39.20 -33.58
CA PHE B 475 4.78 39.53 -32.80
C PHE B 475 4.43 40.72 -31.90
N TYR B 476 4.21 40.44 -30.62
CA TYR B 476 3.80 41.50 -29.71
C TYR B 476 4.38 41.23 -28.32
N LYS B 477 5.44 41.98 -27.95
CA LYS B 477 6.10 41.77 -26.65
C LYS B 477 5.28 42.19 -25.44
N GLY B 478 4.38 43.17 -25.61
CA GLY B 478 3.50 43.64 -24.56
C GLY B 478 4.21 44.20 -23.34
N VAL B 479 3.69 43.86 -22.15
CA VAL B 479 4.20 44.34 -20.88
C VAL B 479 4.18 43.14 -19.95
N ILE B 480 5.34 42.79 -19.38
CA ILE B 480 5.42 41.64 -18.47
C ILE B 480 5.41 42.11 -17.04
N THR B 481 4.45 41.62 -16.29
CA THR B 481 4.39 41.82 -14.86
C THR B 481 4.70 40.49 -14.20
N HIS B 482 5.34 40.54 -13.03
CA HIS B 482 5.73 39.35 -12.32
C HIS B 482 5.05 39.28 -10.98
N ASP B 483 4.75 38.07 -10.53
CA ASP B 483 4.28 37.86 -9.17
C ASP B 483 5.29 36.92 -8.44
N VAL B 484 4.90 36.29 -7.32
CA VAL B 484 5.82 35.44 -6.58
C VAL B 484 6.42 34.31 -7.46
N SER B 485 5.58 33.47 -8.09
CA SER B 485 6.05 32.34 -8.89
C SER B 485 5.58 32.31 -10.36
N SER B 486 5.30 33.48 -11.01
CA SER B 486 4.74 33.44 -12.36
C SER B 486 4.89 34.78 -13.11
N ALA B 487 4.46 34.81 -14.39
CA ALA B 487 4.44 36.00 -15.21
C ALA B 487 3.02 36.23 -15.83
N ILE B 488 2.72 37.46 -16.08
CA ILE B 488 1.47 37.91 -16.68
C ILE B 488 1.88 38.90 -17.79
N ASN B 489 1.13 38.91 -18.91
CA ASN B 489 1.30 39.85 -20.00
C ASN B 489 -0.12 40.31 -20.41
N ARG B 490 -0.66 41.31 -19.68
CA ARG B 490 -2.05 41.81 -19.93
C ARG B 490 -2.23 42.31 -21.37
N PRO B 491 -1.28 43.08 -21.93
CA PRO B 491 -1.42 43.50 -23.33
C PRO B 491 -1.56 42.34 -24.34
N GLN B 492 -0.89 41.18 -24.13
CA GLN B 492 -1.04 40.01 -25.00
C GLN B 492 -2.48 39.44 -24.89
N ILE B 493 -3.05 39.45 -23.68
CA ILE B 493 -4.43 39.05 -23.47
C ILE B 493 -5.39 40.07 -24.13
N GLY B 494 -5.01 41.34 -24.14
CA GLY B 494 -5.79 42.42 -24.73
C GLY B 494 -5.88 42.21 -26.23
N VAL B 495 -4.74 41.89 -26.85
CA VAL B 495 -4.66 41.61 -28.28
C VAL B 495 -5.60 40.40 -28.64
N VAL B 496 -5.68 39.38 -27.76
CA VAL B 496 -6.55 38.20 -27.93
C VAL B 496 -8.02 38.62 -27.84
N ARG B 497 -8.34 39.52 -26.91
CA ARG B 497 -9.68 40.09 -26.72
C ARG B 497 -10.10 40.83 -28.00
N GLU B 498 -9.20 41.64 -28.61
CA GLU B 498 -9.49 42.36 -29.86
C GLU B 498 -9.70 41.38 -31.02
N PHE B 499 -8.86 40.34 -31.07
CA PHE B 499 -8.97 39.30 -32.07
C PHE B 499 -10.33 38.57 -31.95
N LEU B 500 -10.77 38.23 -30.72
CA LEU B 500 -12.01 37.49 -30.47
C LEU B 500 -13.26 38.26 -30.93
N THR B 501 -13.25 39.61 -30.80
CA THR B 501 -14.38 40.42 -31.24
C THR B 501 -14.55 40.32 -32.77
N ARG B 502 -13.45 40.31 -33.52
CA ARG B 502 -13.52 40.18 -34.98
C ARG B 502 -13.57 38.73 -35.50
N ASN B 503 -13.46 37.73 -34.59
CA ASN B 503 -13.37 36.28 -34.88
C ASN B 503 -14.20 35.45 -33.88
N PRO B 504 -15.54 35.61 -33.89
CA PRO B 504 -16.37 34.86 -32.95
C PRO B 504 -16.27 33.34 -33.00
N ALA B 505 -15.87 32.75 -34.14
CA ALA B 505 -15.68 31.27 -34.20
C ALA B 505 -14.61 30.81 -33.19
N TRP B 506 -13.68 31.70 -32.83
CA TRP B 506 -12.62 31.41 -31.87
C TRP B 506 -13.04 31.45 -30.44
N ARG B 507 -14.31 31.74 -30.14
CA ARG B 507 -14.79 31.73 -28.78
C ARG B 507 -14.86 30.33 -28.19
N LYS B 508 -14.83 29.29 -29.01
CA LYS B 508 -14.73 27.91 -28.52
C LYS B 508 -13.23 27.50 -28.28
N ALA B 509 -12.27 28.43 -28.41
CA ALA B 509 -10.85 28.12 -28.26
C ALA B 509 -10.43 27.87 -26.80
N VAL B 510 -9.34 27.10 -26.65
CA VAL B 510 -8.70 26.90 -25.38
C VAL B 510 -7.56 27.85 -25.33
N PHE B 511 -7.41 28.58 -24.20
CA PHE B 511 -6.34 29.54 -23.97
C PHE B 511 -5.16 28.80 -23.33
N ILE B 512 -3.99 28.88 -23.97
CA ILE B 512 -2.80 28.23 -23.46
C ILE B 512 -1.65 29.24 -23.28
N SER B 513 -0.88 29.09 -22.21
CA SER B 513 0.29 29.92 -21.95
C SER B 513 1.27 29.13 -21.05
N PRO B 514 2.54 29.57 -20.97
CA PRO B 514 3.50 28.85 -20.10
C PRO B 514 3.33 29.19 -18.59
N TYR B 515 2.42 30.12 -18.23
CA TYR B 515 2.29 30.58 -16.85
C TYR B 515 0.88 30.51 -16.32
N ASN B 516 0.71 29.94 -15.13
CA ASN B 516 -0.65 29.82 -14.54
C ASN B 516 -1.25 31.20 -14.16
N SER B 517 -0.40 32.23 -13.88
CA SER B 517 -0.90 33.57 -13.57
C SER B 517 -1.45 34.24 -14.80
N GLN B 518 -0.80 34.05 -15.95
CA GLN B 518 -1.26 34.54 -17.23
C GLN B 518 -2.65 33.90 -17.54
N ASN B 519 -2.76 32.59 -17.31
CA ASN B 519 -3.98 31.82 -17.48
C ASN B 519 -5.12 32.30 -16.56
N ALA B 520 -4.82 32.62 -15.30
CA ALA B 520 -5.83 33.10 -14.35
C ALA B 520 -6.43 34.47 -14.83
N VAL B 521 -5.54 35.35 -15.34
CA VAL B 521 -5.97 36.65 -15.86
C VAL B 521 -6.81 36.45 -17.16
N ALA B 522 -6.31 35.59 -18.07
CA ALA B 522 -7.03 35.30 -19.32
C ALA B 522 -8.39 34.65 -19.06
N SER B 523 -8.53 33.85 -18.00
CA SER B 523 -9.79 33.19 -17.70
C SER B 523 -10.87 34.24 -17.39
N LYS B 524 -10.49 35.27 -16.60
CA LYS B 524 -11.38 36.34 -16.22
C LYS B 524 -11.71 37.29 -17.40
N ILE B 525 -10.68 37.78 -18.10
CA ILE B 525 -10.86 38.72 -19.19
C ILE B 525 -11.48 38.08 -20.45
N LEU B 526 -11.01 36.89 -20.84
CA LEU B 526 -11.50 36.25 -22.07
C LEU B 526 -12.64 35.27 -21.87
N GLY B 527 -12.70 34.63 -20.71
CA GLY B 527 -13.72 33.62 -20.46
C GLY B 527 -13.48 32.28 -21.15
N LEU B 528 -12.34 32.13 -21.80
CA LEU B 528 -11.96 30.91 -22.47
C LEU B 528 -11.47 29.91 -21.42
N PRO B 529 -11.70 28.60 -21.66
CA PRO B 529 -11.02 27.59 -20.82
C PRO B 529 -9.49 27.75 -20.91
N THR B 530 -8.77 27.50 -19.81
CA THR B 530 -7.32 27.64 -19.80
C THR B 530 -6.57 26.35 -19.41
N GLN B 531 -5.37 26.26 -19.98
CA GLN B 531 -4.40 25.20 -19.76
C GLN B 531 -3.01 25.80 -19.81
N THR B 532 -2.11 25.32 -18.95
CA THR B 532 -0.71 25.67 -19.09
C THR B 532 -0.25 24.71 -20.18
N VAL B 533 0.90 25.01 -20.82
CA VAL B 533 1.43 24.12 -21.85
C VAL B 533 1.62 22.70 -21.30
N ASP B 534 2.16 22.63 -20.06
CA ASP B 534 2.45 21.40 -19.34
C ASP B 534 1.18 20.58 -19.02
N SER B 535 0.07 21.21 -18.62
CA SER B 535 -1.17 20.45 -18.37
C SER B 535 -1.97 20.11 -19.67
N SER B 536 -1.66 20.79 -20.78
CA SER B 536 -2.29 20.54 -22.08
C SER B 536 -1.71 19.28 -22.74
N GLN B 537 -0.50 18.82 -22.36
CA GLN B 537 0.18 17.65 -22.93
C GLN B 537 -0.73 16.43 -22.92
N GLY B 538 -0.92 15.84 -24.10
CA GLY B 538 -1.82 14.71 -24.27
C GLY B 538 -3.26 15.06 -24.62
N SER B 539 -3.62 16.36 -24.55
CA SER B 539 -4.97 16.83 -24.89
C SER B 539 -5.01 17.54 -26.25
N GLU B 540 -6.21 17.62 -26.86
CA GLU B 540 -6.35 18.28 -28.14
C GLU B 540 -7.63 19.07 -28.21
N TYR B 541 -7.59 20.18 -28.93
CA TYR B 541 -8.71 21.10 -29.05
C TYR B 541 -8.79 21.63 -30.48
N ASP B 542 -9.98 22.02 -30.96
CA ASP B 542 -10.14 22.55 -32.32
C ASP B 542 -9.35 23.83 -32.49
N TYR B 543 -9.49 24.75 -31.54
CA TYR B 543 -8.83 26.03 -31.61
C TYR B 543 -8.03 26.31 -30.38
N VAL B 544 -6.86 26.88 -30.59
CA VAL B 544 -5.93 27.14 -29.50
C VAL B 544 -5.48 28.56 -29.59
N ILE B 545 -5.49 29.26 -28.47
CA ILE B 545 -4.94 30.60 -28.41
C ILE B 545 -3.79 30.57 -27.44
N PHE B 546 -2.60 30.80 -27.95
CA PHE B 546 -1.41 30.77 -27.15
C PHE B 546 -0.79 32.15 -27.01
N THR B 547 -0.53 32.60 -25.74
CA THR B 547 0.25 33.84 -25.54
C THR B 547 1.60 33.38 -24.92
N GLN B 548 2.72 33.73 -25.55
CA GLN B 548 4.02 33.34 -25.05
C GLN B 548 4.34 33.92 -23.66
N THR B 549 3.75 35.11 -23.33
CA THR B 549 3.86 35.88 -22.07
C THR B 549 5.24 36.60 -21.89
N THR B 550 6.32 35.84 -21.92
CA THR B 550 7.70 36.34 -21.74
C THR B 550 8.62 35.69 -22.81
N GLU B 551 9.91 36.14 -22.90
CA GLU B 551 10.90 35.47 -23.74
C GLU B 551 11.96 34.85 -22.84
N THR B 552 11.53 34.08 -21.83
CA THR B 552 12.46 33.40 -20.92
C THR B 552 12.85 32.02 -21.50
N ALA B 553 13.82 31.32 -20.88
CA ALA B 553 14.17 29.96 -21.25
C ALA B 553 12.94 29.04 -21.06
N HIS B 554 12.10 29.29 -20.04
CA HIS B 554 10.87 28.52 -19.81
C HIS B 554 9.87 28.70 -20.97
N SER B 555 9.61 29.95 -21.40
CA SER B 555 8.62 30.19 -22.45
C SER B 555 9.15 29.91 -23.87
N CYS B 556 10.48 29.88 -24.05
CA CYS B 556 11.13 29.62 -25.34
C CYS B 556 11.54 28.17 -25.51
N ASN B 557 11.32 27.33 -24.49
CA ASN B 557 11.72 25.94 -24.56
C ASN B 557 11.03 25.24 -25.76
N VAL B 558 11.84 24.75 -26.75
CA VAL B 558 11.32 24.15 -27.96
C VAL B 558 10.36 22.99 -27.66
N ASN B 559 10.58 22.19 -26.59
CA ASN B 559 9.67 21.08 -26.26
C ASN B 559 8.32 21.58 -25.82
N ARG B 560 8.31 22.62 -24.97
CA ARG B 560 7.10 23.24 -24.48
C ARG B 560 6.38 23.91 -25.68
N PHE B 561 7.14 24.61 -26.55
CA PHE B 561 6.60 25.25 -27.74
C PHE B 561 5.91 24.26 -28.66
N ASN B 562 6.55 23.09 -28.86
CA ASN B 562 6.10 21.97 -29.65
C ASN B 562 4.78 21.45 -29.08
N VAL B 563 4.71 21.20 -27.74
CA VAL B 563 3.47 20.73 -27.11
C VAL B 563 2.37 21.78 -27.29
N ALA B 564 2.72 23.06 -27.06
CA ALA B 564 1.75 24.13 -27.13
C ALA B 564 1.02 24.22 -28.46
N ILE B 565 1.74 24.28 -29.56
CA ILE B 565 1.12 24.48 -30.86
C ILE B 565 0.55 23.21 -31.45
N THR B 566 0.97 22.02 -30.97
CA THR B 566 0.41 20.76 -31.46
C THR B 566 -0.86 20.33 -30.74
N ARG B 567 -1.48 21.19 -29.94
CA ARG B 567 -2.77 20.85 -29.28
C ARG B 567 -3.95 21.09 -30.24
N ALA B 568 -3.77 21.94 -31.26
CA ALA B 568 -4.78 22.38 -32.23
C ALA B 568 -5.05 21.38 -33.36
N LYS B 569 -6.35 21.09 -33.56
CA LYS B 569 -6.87 20.26 -34.64
C LYS B 569 -7.21 21.13 -35.87
N VAL B 570 -7.61 22.40 -35.68
CA VAL B 570 -8.05 23.27 -36.77
C VAL B 570 -7.31 24.59 -36.87
N GLY B 571 -7.32 25.37 -35.78
CA GLY B 571 -6.71 26.68 -35.78
C GLY B 571 -5.90 26.98 -34.54
N ILE B 572 -4.93 27.90 -34.69
CA ILE B 572 -4.10 28.39 -33.61
C ILE B 572 -3.76 29.85 -33.83
N LEU B 573 -3.85 30.63 -32.78
CA LEU B 573 -3.43 32.01 -32.79
C LEU B 573 -2.23 32.03 -31.80
N CYS B 574 -1.05 32.48 -32.24
CA CYS B 574 0.12 32.56 -31.39
C CYS B 574 0.53 33.98 -31.21
N ILE B 575 0.47 34.51 -29.96
CA ILE B 575 0.93 35.88 -29.67
C ILE B 575 2.32 35.65 -29.10
N MET B 576 3.34 36.03 -29.86
CA MET B 576 4.72 35.73 -29.56
C MET B 576 5.50 36.89 -28.98
N SER B 577 6.49 36.55 -28.17
CA SER B 577 7.44 37.47 -27.53
C SER B 577 8.84 37.28 -28.15
N ASP B 578 9.17 36.02 -28.54
CA ASP B 578 10.45 35.65 -29.06
C ASP B 578 10.47 35.71 -30.59
N ARG B 579 11.35 36.54 -31.15
CA ARG B 579 11.51 36.70 -32.59
C ARG B 579 11.87 35.38 -33.25
N ASP B 580 12.78 34.62 -32.66
CA ASP B 580 13.25 33.32 -33.15
C ASP B 580 12.07 32.34 -33.35
N LEU B 581 11.32 32.01 -32.29
CA LEU B 581 10.20 31.09 -32.41
C LEU B 581 9.05 31.67 -33.26
N TYR B 582 8.89 33.01 -33.28
CA TYR B 582 7.90 33.66 -34.13
C TYR B 582 8.29 33.40 -35.63
N ASP B 583 9.59 33.60 -35.97
CA ASP B 583 10.08 33.37 -37.34
C ASP B 583 10.05 31.91 -37.76
N LYS B 584 10.15 30.97 -36.78
CA LYS B 584 10.04 29.53 -36.97
C LYS B 584 8.58 29.08 -37.24
N LEU B 585 7.56 29.89 -36.82
CA LEU B 585 6.15 29.62 -37.08
C LEU B 585 5.76 29.84 -38.57
N GLN B 586 5.34 28.75 -39.25
CA GLN B 586 4.91 28.79 -40.65
C GLN B 586 3.41 29.03 -40.68
N PHE B 587 3.03 30.17 -40.11
CA PHE B 587 1.68 30.68 -39.92
C PHE B 587 1.60 32.04 -40.64
N THR B 588 0.37 32.49 -40.87
CA THR B 588 0.08 33.77 -41.49
C THR B 588 0.28 34.82 -40.42
N SER B 589 1.07 35.87 -40.69
CA SER B 589 1.24 36.93 -39.73
C SER B 589 0.08 37.91 -39.72
N LEU B 590 -0.27 38.37 -38.52
CA LEU B 590 -1.30 39.37 -38.32
C LEU B 590 -0.65 40.67 -37.81
N GLU B 591 -1.30 41.82 -38.03
CA GLU B 591 -0.75 43.09 -37.55
C GLU B 591 -1.34 43.50 -36.18
N ILE B 592 -0.58 44.33 -35.43
CA ILE B 592 -0.95 44.81 -34.10
C ILE B 592 -1.91 45.99 -34.16
N PRO B 593 -3.13 45.83 -33.64
CA PRO B 593 -4.11 46.93 -33.70
C PRO B 593 -3.96 48.01 -32.61
N1 NZG C . 7.43 -8.05 32.65
C4 NZG C . 9.20 -9.77 32.88
C5 NZG C . 9.55 -11.10 33.06
C6 NZG C . 8.54 -12.05 33.18
C7 NZG C . 7.21 -11.68 33.12
C8 NZG C . 6.90 -10.35 32.93
C1 NZG C . 8.77 -6.30 31.73
C2 NZG C . 7.59 -7.21 31.62
C3 NZG C . 7.86 -9.39 32.79
C9 NZG C . 10.97 -11.50 33.20
F1 NZG C . 5.60 -9.96 32.86
O1 NZG C . 6.81 -7.16 30.68
O2 NZG C . 11.26 -12.71 33.14
O3 NZG C . 11.79 -10.61 33.51
ZN ZN D . -28.08 -30.29 -25.28
ZN ZN E . -17.12 -27.12 -6.34
ZN ZN F . -6.24 -33.39 -7.97
P PO4 G . 2.50 -10.03 28.80
O1 PO4 G . 1.01 -9.78 29.35
O2 PO4 G . 2.73 -11.55 28.88
O3 PO4 G . 3.61 -9.23 29.63
O4 PO4 G . 2.62 -9.50 27.29
P PO4 H . -2.45 -10.65 27.89
O1 PO4 H . -2.61 -10.16 29.41
O2 PO4 H . -1.82 -12.04 27.90
O3 PO4 H . -3.89 -10.73 27.18
O4 PO4 H . -1.63 -9.58 27.03
ZN ZN I . 28.73 10.63 1.64
ZN ZN J . 34.10 0.15 -3.36
ZN ZN K . 36.32 11.42 22.15
P PO4 L . -1.39 10.27 -30.01
O1 PO4 L . -1.76 9.12 -28.97
O2 PO4 L . -1.33 11.74 -29.35
O3 PO4 L . -2.49 10.32 -31.12
O4 PO4 L . 0.02 9.97 -30.66
P PO4 M . 0.40 13.93 -27.57
O1 PO4 M . -0.50 12.89 -26.74
O2 PO4 M . 0.80 15.17 -26.64
O3 PO4 M . -0.43 14.51 -28.80
O4 PO4 M . 1.70 13.15 -28.07
#